data_6J1H
#
_entry.id   6J1H
#
_cell.length_a   79.915
_cell.length_b   124.409
_cell.length_c   290.561
_cell.angle_alpha   90.00
_cell.angle_beta   90.00
_cell.angle_gamma   90.00
#
_symmetry.space_group_name_H-M   'C 2 2 21'
#
loop_
_entity.id
_entity.type
_entity.pdbx_description
1 polymer 'Hydrogenase regulation HoxX'
2 non-polymer GLYCEROL
3 water water
#
_entity_poly.entity_id   1
_entity_poly.type   'polypeptide(L)'
_entity_poly.pdbx_seq_one_letter_code
;MGSSHHHHHHSSGLVPRGSHMRILFLSYRFNSLSARLYCELTEREHEVSVELDVHPDLTVEAAELYKPDLIIAPFLKRKI
PQEVWKKYKTLIIHPGPPGDRGPNALDWAIMKGERIWGVTLLEASEEYDAGDVWAYRTFPMRFARKASIYANEVTEGVVE
CVLEALENFERGDFKPTPQKEHWWNPKMEQELRRVDWEQDDTKTVLRKVYASDAAPGASSKVLGKEVLLFNAYPEEELKG
KPGEVLALRDEAVCIGTRDGAVWITHMRERKKESIKLPSARVLGEFLKGVKEDPIKPWEKVDFKTYREILYEEEDGIGFI
HFNFYAGAMSTEQCYRLLETIKYAKKRPVKAIVLLGSEDFFSNGMNLNTIENAESPADESWRNINAIDDVCEEILKTPDK
LTVAGMQGNAGAGGVFLALTCDLVFAREGVVLNPHYKNIGNLYGSEFWTYTLPKRVGWEKGKEVMENRMPISSKKAFEIG
LIDGVFGKTPKEFRQRLKERIKNFINSKDFYEFIEKKKKERTSGEWLEEIQKCREHELEKMKLNFYGFDTSYHIARYYFV
RAKPHFRTPPYLAIHRRLKFSL
;
_entity_poly.pdbx_strand_id   A,B
#
# COMPACT_ATOMS: atom_id res chain seq x y z
N SER A 19 14.65 27.05 24.04
CA SER A 19 13.59 26.11 24.40
C SER A 19 14.18 24.83 24.98
N HIS A 20 14.42 24.83 26.29
CA HIS A 20 14.84 23.64 27.03
C HIS A 20 13.68 23.30 27.98
N MET A 21 12.83 22.37 27.59
CA MET A 21 11.64 22.15 28.39
C MET A 21 11.88 21.12 29.48
N ARG A 22 11.05 21.19 30.51
CA ARG A 22 11.02 20.22 31.59
C ARG A 22 9.75 19.38 31.40
N ILE A 23 9.93 18.13 30.98
CA ILE A 23 8.84 17.27 30.56
C ILE A 23 8.73 16.10 31.54
N LEU A 24 7.50 15.73 31.89
CA LEU A 24 7.22 14.57 32.73
C LEU A 24 6.52 13.48 31.91
N PHE A 25 7.14 12.31 31.82
CA PHE A 25 6.49 11.14 31.24
C PHE A 25 5.65 10.44 32.30
N LEU A 26 4.42 10.06 31.94
CA LEU A 26 3.60 9.12 32.71
C LEU A 26 3.53 7.80 31.94
N SER A 27 4.15 6.75 32.47
CA SER A 27 4.26 5.49 31.77
C SER A 27 3.93 4.33 32.71
N TYR A 28 3.11 3.40 32.24
CA TYR A 28 2.86 2.18 32.99
C TYR A 28 4.18 1.50 33.35
N ARG A 29 4.95 1.13 32.33
CA ARG A 29 6.34 0.72 32.49
C ARG A 29 7.19 1.61 31.59
N PHE A 30 8.47 1.70 31.91
CA PHE A 30 9.39 2.39 30.99
C PHE A 30 9.66 1.44 29.82
N ASN A 31 8.66 1.31 28.95
CA ASN A 31 8.70 0.40 27.82
C ASN A 31 9.47 1.03 26.64
N SER A 32 9.56 0.28 25.54
CA SER A 32 10.39 0.66 24.40
C SER A 32 9.98 2.01 23.83
N LEU A 33 8.67 2.28 23.75
CA LEU A 33 8.22 3.56 23.23
C LEU A 33 8.66 4.69 24.15
N SER A 34 8.42 4.53 25.45
CA SER A 34 8.89 5.50 26.42
C SER A 34 10.39 5.74 26.29
N ALA A 35 11.16 4.66 26.08
CA ALA A 35 12.61 4.81 25.99
C ALA A 35 13.01 5.48 24.69
N ARG A 36 12.33 5.15 23.60
CA ARG A 36 12.65 5.84 22.34
C ARG A 36 12.39 7.33 22.47
N LEU A 37 11.23 7.70 23.01
CA LEU A 37 10.93 9.12 23.19
C LEU A 37 11.87 9.77 24.20
N TYR A 38 12.33 9.01 25.21
CA TYR A 38 13.31 9.58 26.14
C TYR A 38 14.57 10.00 25.42
N CYS A 39 15.11 9.10 24.58
CA CYS A 39 16.28 9.41 23.75
C CYS A 39 16.03 10.64 22.87
N GLU A 40 14.93 10.66 22.11
CA GLU A 40 14.67 11.76 21.18
C GLU A 40 14.60 13.09 21.92
N LEU A 41 14.04 13.10 23.13
CA LEU A 41 13.85 14.37 23.82
C LEU A 41 15.10 14.82 24.56
N THR A 42 15.76 13.91 25.29
CA THR A 42 16.93 14.31 26.05
C THR A 42 18.10 14.65 25.12
N GLU A 43 18.23 13.92 24.02
CA GLU A 43 19.31 14.21 23.07
C GLU A 43 19.05 15.51 22.31
N ARG A 44 17.88 16.11 22.48
CA ARG A 44 17.61 17.47 22.04
C ARG A 44 17.70 18.47 23.20
N GLU A 45 18.29 18.06 24.32
CA GLU A 45 18.53 18.89 25.50
C GLU A 45 17.24 19.32 26.22
N HIS A 46 16.14 18.61 26.04
CA HIS A 46 15.07 18.76 27.01
C HIS A 46 15.37 17.86 28.19
N GLU A 47 14.74 18.15 29.32
CA GLU A 47 14.83 17.27 30.47
C GLU A 47 13.56 16.43 30.58
N VAL A 48 13.74 15.12 30.75
CA VAL A 48 12.62 14.19 30.90
C VAL A 48 12.72 13.51 32.27
N SER A 49 11.75 13.77 33.12
CA SER A 49 11.55 12.98 34.32
C SER A 49 10.43 11.99 34.07
N VAL A 50 10.48 10.84 34.75
CA VAL A 50 9.46 9.80 34.59
C VAL A 50 8.83 9.50 35.94
N GLU A 51 7.50 9.37 35.95
CA GLU A 51 6.77 8.76 37.06
C GLU A 51 6.02 7.55 36.54
N LEU A 52 6.23 6.40 37.17
CA LEU A 52 5.54 5.21 36.73
C LEU A 52 4.07 5.26 37.17
N ASP A 53 3.21 4.61 36.40
CA ASP A 53 1.77 4.63 36.64
C ASP A 53 1.49 3.61 37.73
N VAL A 54 1.43 4.08 38.98
CA VAL A 54 1.23 3.22 40.15
C VAL A 54 -0.12 3.50 40.80
N HIS A 55 -0.38 4.77 41.13
CA HIS A 55 -1.60 5.18 41.75
C HIS A 55 -1.86 6.64 41.42
N PRO A 56 -3.11 7.03 41.18
CA PRO A 56 -3.41 8.44 40.88
C PRO A 56 -2.85 9.42 41.91
N ASP A 57 -2.84 9.03 43.20
CA ASP A 57 -2.24 9.87 44.23
C ASP A 57 -0.75 10.10 43.95
N LEU A 58 -0.05 9.07 43.49
CA LEU A 58 1.35 9.22 43.13
C LEU A 58 1.51 10.09 41.88
N THR A 59 0.60 9.93 40.92
CA THR A 59 0.69 10.75 39.72
C THR A 59 0.49 12.22 40.04
N VAL A 60 -0.44 12.51 40.97
CA VAL A 60 -0.67 13.89 41.40
C VAL A 60 0.55 14.45 42.13
N GLU A 61 1.10 13.67 43.06
CA GLU A 61 2.29 14.11 43.79
C GLU A 61 3.44 14.41 42.84
N ALA A 62 3.62 13.57 41.82
CA ALA A 62 4.75 13.74 40.90
C ALA A 62 4.62 15.03 40.10
N ALA A 63 3.39 15.36 39.65
CA ALA A 63 3.19 16.60 38.91
C ALA A 63 3.46 17.80 39.81
N GLU A 64 3.00 17.73 41.07
CA GLU A 64 3.22 18.84 41.98
C GLU A 64 4.69 18.97 42.35
N LEU A 65 5.40 17.86 42.53
CA LEU A 65 6.83 17.92 42.80
C LEU A 65 7.60 18.46 41.61
N TYR A 66 7.35 17.91 40.42
CA TYR A 66 8.21 18.23 39.28
C TYR A 66 7.79 19.52 38.59
N LYS A 67 6.51 19.87 38.63
CA LYS A 67 5.96 21.04 37.95
C LYS A 67 6.46 21.11 36.51
N PRO A 68 6.02 20.20 35.65
CA PRO A 68 6.55 20.16 34.28
C PRO A 68 6.01 21.29 33.42
N ASP A 69 6.80 21.66 32.41
CA ASP A 69 6.27 22.47 31.31
C ASP A 69 5.19 21.71 30.55
N LEU A 70 5.36 20.41 30.39
CA LEU A 70 4.54 19.60 29.51
C LEU A 70 4.54 18.17 30.02
N ILE A 71 3.37 17.51 29.99
CA ILE A 71 3.26 16.11 30.36
C ILE A 71 2.95 15.28 29.13
N ILE A 72 3.68 14.18 28.95
CA ILE A 72 3.40 13.21 27.89
C ILE A 72 3.17 11.85 28.53
N ALA A 73 2.12 11.16 28.09
CA ALA A 73 1.76 9.82 28.54
C ALA A 73 1.98 8.84 27.41
N PRO A 74 3.17 8.24 27.27
CA PRO A 74 3.41 7.36 26.12
C PRO A 74 2.68 6.03 26.24
N PHE A 75 2.29 5.62 27.45
CA PHE A 75 1.79 4.27 27.67
C PHE A 75 1.02 4.30 29.00
N LEU A 76 -0.30 4.37 28.88
CA LEU A 76 -1.18 4.63 30.00
C LEU A 76 -1.93 3.36 30.36
N LYS A 77 -2.02 3.07 31.65
CA LYS A 77 -2.97 2.09 32.16
C LYS A 77 -4.16 2.75 32.84
N ARG A 78 -3.89 3.62 33.82
CA ARG A 78 -4.91 4.33 34.57
C ARG A 78 -5.21 5.68 33.95
N LYS A 79 -6.44 6.13 34.15
CA LYS A 79 -6.85 7.46 33.72
C LYS A 79 -6.06 8.52 34.48
N ILE A 80 -5.73 9.61 33.80
CA ILE A 80 -4.91 10.65 34.43
C ILE A 80 -5.81 11.50 35.34
N PRO A 81 -5.42 11.75 36.58
CA PRO A 81 -6.29 12.51 37.49
C PRO A 81 -6.54 13.92 36.98
N GLN A 82 -7.80 14.33 37.14
CA GLN A 82 -8.27 15.61 36.59
C GLN A 82 -7.42 16.78 37.06
N GLU A 83 -7.00 16.79 38.32
CA GLU A 83 -6.23 17.91 38.83
C GLU A 83 -4.81 17.97 38.27
N VAL A 84 -4.37 16.94 37.57
CA VAL A 84 -3.10 17.01 36.87
C VAL A 84 -3.28 17.68 35.51
N TRP A 85 -4.13 17.12 34.66
CA TRP A 85 -4.20 17.60 33.29
C TRP A 85 -5.01 18.87 33.15
N LYS A 86 -5.74 19.29 34.19
CA LYS A 86 -6.28 20.64 34.17
C LYS A 86 -5.23 21.69 34.53
N LYS A 87 -4.14 21.29 35.18
CA LYS A 87 -3.10 22.23 35.58
C LYS A 87 -1.88 22.21 34.67
N TYR A 88 -1.58 21.08 34.03
CA TYR A 88 -0.42 20.98 33.17
C TYR A 88 -0.87 20.41 31.83
N LYS A 89 -0.40 21.03 30.73
CA LYS A 89 -0.72 20.51 29.41
C LYS A 89 -0.25 19.07 29.30
N THR A 90 -1.18 18.16 29.05
CA THR A 90 -0.93 16.73 29.11
C THR A 90 -1.34 16.09 27.80
N LEU A 91 -0.38 15.45 27.12
CA LEU A 91 -0.61 14.83 25.82
C LEU A 91 -0.54 13.31 25.96
N ILE A 92 -1.46 12.62 25.29
CA ILE A 92 -1.67 11.18 25.37
C ILE A 92 -1.31 10.56 24.03
N ILE A 93 -0.58 9.43 24.05
CA ILE A 93 -0.31 8.67 22.82
C ILE A 93 -1.39 7.61 22.66
N HIS A 94 -2.07 7.61 21.51
CA HIS A 94 -3.09 6.60 21.21
C HIS A 94 -2.73 5.86 19.94
N PRO A 95 -2.50 4.52 19.98
CA PRO A 95 -2.05 3.77 18.81
C PRO A 95 -3.18 3.46 17.81
N GLY A 96 -3.91 4.51 17.41
CA GLY A 96 -4.89 4.45 16.36
C GLY A 96 -5.00 5.82 15.70
N PRO A 97 -5.63 5.90 14.53
CA PRO A 97 -5.74 7.20 13.84
C PRO A 97 -6.77 8.08 14.52
N PRO A 98 -6.88 9.36 14.13
CA PRO A 98 -7.80 10.27 14.81
C PRO A 98 -9.22 9.73 14.83
N GLY A 99 -9.88 9.91 15.98
CA GLY A 99 -11.22 9.45 16.19
C GLY A 99 -11.34 8.04 16.75
N ASP A 100 -10.29 7.23 16.65
CA ASP A 100 -10.34 5.88 17.23
C ASP A 100 -10.16 5.97 18.73
N ARG A 101 -11.02 5.31 19.51
CA ARG A 101 -10.98 5.40 20.96
C ARG A 101 -11.05 4.02 21.61
N GLY A 102 -10.32 3.85 22.71
CA GLY A 102 -10.36 2.61 23.45
C GLY A 102 -8.98 2.05 23.75
N PRO A 103 -8.94 1.01 24.59
CA PRO A 103 -7.65 0.51 25.10
C PRO A 103 -6.94 -0.54 24.27
N ASN A 104 -7.57 -1.10 23.24
CA ASN A 104 -6.96 -2.17 22.44
C ASN A 104 -6.99 -1.81 20.94
N ALA A 105 -6.59 -0.58 20.61
CA ALA A 105 -6.74 -0.08 19.23
C ALA A 105 -6.01 -0.97 18.21
N LEU A 106 -4.78 -1.37 18.51
CA LEU A 106 -4.02 -2.20 17.58
C LEU A 106 -4.64 -3.57 17.44
N ASP A 107 -5.06 -4.17 18.56
CA ASP A 107 -5.69 -5.49 18.51
C ASP A 107 -6.87 -5.49 17.57
N TRP A 108 -7.71 -4.47 17.66
CA TRP A 108 -8.87 -4.42 16.78
C TRP A 108 -8.46 -4.21 15.34
N ALA A 109 -7.45 -3.37 15.10
CA ALA A 109 -7.06 -3.08 13.72
C ALA A 109 -6.55 -4.34 13.04
N ILE A 110 -5.84 -5.20 13.78
CA ILE A 110 -5.35 -6.44 13.20
C ILE A 110 -6.49 -7.46 13.07
N MET A 111 -7.36 -7.57 14.07
CA MET A 111 -8.46 -8.54 13.97
C MET A 111 -9.40 -8.18 12.81
N LYS A 112 -9.64 -6.89 12.60
CA LYS A 112 -10.49 -6.41 11.52
C LYS A 112 -9.79 -6.35 10.17
N GLY A 113 -8.47 -6.53 10.13
CA GLY A 113 -7.75 -6.46 8.87
C GLY A 113 -7.78 -5.10 8.20
N GLU A 114 -7.72 -4.03 8.98
CA GLU A 114 -7.59 -2.69 8.40
C GLU A 114 -6.37 -2.64 7.49
N ARG A 115 -6.51 -1.96 6.35
CA ARG A 115 -5.36 -1.77 5.48
C ARG A 115 -4.58 -0.50 5.82
N ILE A 116 -5.21 0.49 6.45
CA ILE A 116 -4.56 1.72 6.86
C ILE A 116 -4.78 1.87 8.37
N TRP A 117 -3.73 2.28 9.08
CA TRP A 117 -3.88 2.56 10.50
C TRP A 117 -3.06 3.80 10.82
N GLY A 118 -2.89 4.10 12.11
CA GLY A 118 -2.19 5.32 12.45
C GLY A 118 -2.00 5.44 13.94
N VAL A 119 -1.43 6.59 14.34
CA VAL A 119 -1.16 6.95 15.72
C VAL A 119 -1.58 8.41 15.89
N THR A 120 -2.01 8.75 17.11
CA THR A 120 -2.55 10.09 17.38
C THR A 120 -2.00 10.61 18.68
N LEU A 121 -1.57 11.87 18.67
CA LEU A 121 -1.15 12.56 19.90
C LEU A 121 -2.26 13.54 20.27
N LEU A 122 -2.94 13.28 21.37
CA LEU A 122 -4.17 14.02 21.71
C LEU A 122 -4.14 14.45 23.17
N GLU A 123 -4.88 15.51 23.47
CA GLU A 123 -4.93 16.06 24.82
C GLU A 123 -5.72 15.14 25.75
N ALA A 124 -5.30 15.10 27.01
CA ALA A 124 -6.09 14.44 28.04
C ALA A 124 -7.46 15.09 28.15
N SER A 125 -8.46 14.33 28.58
CA SER A 125 -9.81 14.87 28.71
C SER A 125 -10.60 14.00 29.67
N GLU A 126 -11.81 14.46 30.01
CA GLU A 126 -12.63 13.70 30.95
C GLU A 126 -13.12 12.41 30.31
N GLU A 127 -13.79 12.51 29.15
CA GLU A 127 -14.17 11.30 28.43
C GLU A 127 -12.93 10.62 27.84
N TYR A 128 -12.97 9.29 27.82
CA TYR A 128 -11.86 8.45 27.40
C TYR A 128 -11.45 8.73 25.95
N ASP A 129 -10.18 9.12 25.76
CA ASP A 129 -9.61 9.34 24.43
C ASP A 129 -10.38 10.37 23.62
N ALA A 130 -11.00 11.36 24.28
CA ALA A 130 -11.82 12.34 23.58
C ALA A 130 -11.10 13.65 23.26
N GLY A 131 -9.84 13.82 23.65
CA GLY A 131 -9.22 15.13 23.60
C GLY A 131 -8.94 15.62 22.19
N ASP A 132 -8.71 16.93 22.08
CA ASP A 132 -8.34 17.54 20.81
C ASP A 132 -7.00 16.98 20.31
N VAL A 133 -6.86 16.88 18.99
CA VAL A 133 -5.70 16.25 18.38
C VAL A 133 -4.58 17.28 18.21
N TRP A 134 -3.39 16.96 18.72
CA TRP A 134 -2.20 17.76 18.48
C TRP A 134 -1.47 17.36 17.20
N ALA A 135 -1.37 16.05 16.94
CA ALA A 135 -0.71 15.57 15.73
C ALA A 135 -1.13 14.13 15.50
N TYR A 136 -0.96 13.66 14.26
CA TYR A 136 -1.16 12.26 13.96
C TYR A 136 -0.32 11.86 12.75
N ARG A 137 -0.06 10.55 12.64
CA ARG A 137 0.54 9.95 11.47
C ARG A 137 -0.24 8.70 11.08
N THR A 138 -0.33 8.43 9.78
CA THR A 138 -0.96 7.21 9.29
C THR A 138 0.08 6.34 8.59
N PHE A 139 -0.25 5.06 8.39
CA PHE A 139 0.69 4.19 7.70
C PHE A 139 -0.06 2.98 7.15
N PRO A 140 0.46 2.34 6.10
CA PRO A 140 -0.12 1.09 5.63
C PRO A 140 0.14 -0.05 6.61
N MET A 141 -0.84 -0.92 6.79
CA MET A 141 -0.69 -2.02 7.72
C MET A 141 0.09 -3.16 7.09
N ARG A 142 0.90 -3.82 7.88
CA ARG A 142 1.49 -5.09 7.55
C ARG A 142 0.65 -6.19 8.21
N PHE A 143 0.64 -7.37 7.61
CA PHE A 143 0.09 -8.56 8.26
C PHE A 143 1.19 -9.11 9.15
N ALA A 144 1.18 -8.72 10.42
CA ALA A 144 2.33 -8.95 11.28
C ALA A 144 1.90 -8.87 12.74
N ARG A 145 2.77 -9.36 13.61
CA ARG A 145 2.53 -9.31 15.05
C ARG A 145 2.27 -7.87 15.50
N LYS A 146 1.34 -7.72 16.44
CA LYS A 146 1.08 -6.44 17.07
C LYS A 146 2.35 -5.78 17.60
N ALA A 147 3.22 -6.56 18.26
CA ALA A 147 4.44 -5.98 18.84
C ALA A 147 5.33 -5.40 17.76
N SER A 148 5.35 -6.01 16.57
CA SER A 148 6.20 -5.49 15.52
C SER A 148 5.63 -4.19 14.94
N ILE A 149 4.32 -4.13 14.78
CA ILE A 149 3.70 -2.86 14.36
C ILE A 149 4.00 -1.76 15.38
N TYR A 150 3.82 -2.06 16.67
CA TYR A 150 4.04 -1.09 17.74
C TYR A 150 5.49 -0.60 17.73
N ALA A 151 6.44 -1.52 17.55
CA ALA A 151 7.85 -1.17 17.65
C ALA A 151 8.38 -0.48 16.41
N ASN A 152 7.68 -0.57 15.26
CA ASN A 152 8.19 0.04 14.04
C ASN A 152 7.26 1.17 13.65
N GLU A 153 6.18 0.91 12.89
CA GLU A 153 5.33 1.96 12.35
C GLU A 153 4.80 2.89 13.45
N VAL A 154 4.33 2.33 14.57
CA VAL A 154 3.71 3.17 15.60
C VAL A 154 4.76 4.03 16.27
N THR A 155 5.90 3.45 16.64
CA THR A 155 6.93 4.24 17.32
C THR A 155 7.48 5.33 16.40
N GLU A 156 7.74 5.01 15.14
CA GLU A 156 8.24 6.06 14.23
C GLU A 156 7.23 7.19 14.08
N GLY A 157 5.95 6.84 13.91
CA GLY A 157 4.92 7.86 13.81
C GLY A 157 4.77 8.70 15.08
N VAL A 158 4.84 8.05 16.25
CA VAL A 158 4.73 8.77 17.52
C VAL A 158 5.88 9.75 17.69
N VAL A 159 7.10 9.36 17.29
CA VAL A 159 8.23 10.28 17.38
C VAL A 159 7.98 11.53 16.57
N GLU A 160 7.46 11.38 15.34
CA GLU A 160 7.20 12.56 14.52
C GLU A 160 6.12 13.43 15.14
N CYS A 161 5.05 12.81 15.67
CA CYS A 161 4.02 13.59 16.35
C CYS A 161 4.61 14.38 17.52
N VAL A 162 5.45 13.74 18.33
CA VAL A 162 5.90 14.41 19.54
C VAL A 162 6.84 15.56 19.21
N LEU A 163 7.76 15.34 18.26
CA LEU A 163 8.64 16.45 17.86
C LEU A 163 7.84 17.59 17.25
N GLU A 164 6.84 17.27 16.43
CA GLU A 164 5.96 18.31 15.89
C GLU A 164 5.25 19.06 17.01
N ALA A 165 4.76 18.34 18.03
CA ALA A 165 4.01 19.04 19.07
C ALA A 165 4.91 19.92 19.94
N LEU A 166 6.18 19.52 20.17
CA LEU A 166 7.10 20.39 20.89
C LEU A 166 7.34 21.71 20.14
N GLU A 167 7.50 21.62 18.81
CA GLU A 167 7.56 22.84 18.00
C GLU A 167 6.31 23.69 18.18
N ASN A 168 5.13 23.08 18.06
CA ASN A 168 3.89 23.83 18.24
C ASN A 168 3.81 24.43 19.64
N PHE A 169 4.30 23.70 20.64
CA PHE A 169 4.15 24.15 22.02
C PHE A 169 5.02 25.37 22.30
N GLU A 170 6.22 25.42 21.72
CA GLU A 170 7.14 26.53 21.98
C GLU A 170 6.71 27.80 21.28
N ARG A 171 6.19 27.71 20.04
CA ARG A 171 5.63 28.89 19.37
C ARG A 171 4.59 29.57 20.24
N GLY A 172 3.70 28.79 20.85
CA GLY A 172 2.80 29.28 21.87
C GLY A 172 1.41 29.66 21.40
N ASP A 173 1.15 29.65 20.09
CA ASP A 173 -0.18 29.96 19.58
C ASP A 173 -0.84 28.77 18.89
N PHE A 174 -0.45 27.54 19.24
CA PHE A 174 -1.03 26.37 18.59
C PHE A 174 -2.42 26.10 19.13
N LYS A 175 -3.35 25.80 18.24
CA LYS A 175 -4.66 25.34 18.67
C LYS A 175 -4.90 23.94 18.14
N PRO A 176 -5.21 22.96 19.00
CA PRO A 176 -5.40 21.58 18.54
C PRO A 176 -6.71 21.44 17.78
N THR A 177 -6.85 20.30 17.10
CA THR A 177 -8.02 20.06 16.27
C THR A 177 -8.99 19.16 17.00
N PRO A 178 -10.19 19.63 17.36
CA PRO A 178 -11.15 18.74 18.02
C PRO A 178 -11.50 17.58 17.11
N GLN A 179 -11.78 16.45 17.72
CA GLN A 179 -12.25 15.29 16.98
C GLN A 179 -13.65 15.52 16.45
N LYS A 180 -13.88 15.10 15.21
CA LYS A 180 -15.22 15.12 14.63
C LYS A 180 -15.81 13.72 14.77
N GLU A 181 -15.71 12.92 13.71
CA GLU A 181 -16.18 11.55 13.78
C GLU A 181 -15.26 10.73 14.69
N HIS A 182 -15.85 9.75 15.38
CA HIS A 182 -15.06 8.92 16.27
C HIS A 182 -15.80 7.60 16.51
N TRP A 183 -15.06 6.62 17.01
CA TRP A 183 -15.63 5.32 17.29
C TRP A 183 -14.93 4.72 18.51
N TRP A 184 -15.62 3.81 19.17
CA TRP A 184 -15.15 3.17 20.38
C TRP A 184 -15.05 1.67 20.16
N ASN A 185 -13.92 1.08 20.52
CA ASN A 185 -13.77 -0.37 20.55
C ASN A 185 -13.44 -0.75 21.99
N PRO A 186 -14.21 -1.65 22.64
CA PRO A 186 -13.91 -1.97 24.04
C PRO A 186 -12.66 -2.83 24.14
N LYS A 187 -12.26 -3.14 25.37
CA LYS A 187 -11.24 -4.16 25.58
C LYS A 187 -11.65 -5.43 24.82
N MET A 188 -10.68 -6.03 24.13
CA MET A 188 -10.94 -7.26 23.41
C MET A 188 -10.94 -8.45 24.38
N GLU A 189 -11.95 -9.30 24.30
CA GLU A 189 -12.07 -10.46 25.17
C GLU A 189 -11.37 -11.67 24.57
N GLN A 190 -10.98 -12.60 25.45
CA GLN A 190 -10.22 -13.78 25.01
C GLN A 190 -11.02 -14.63 24.04
N GLU A 191 -12.34 -14.68 24.22
CA GLU A 191 -13.20 -15.47 23.34
C GLU A 191 -12.96 -15.11 21.88
N LEU A 192 -12.76 -13.81 21.61
CA LEU A 192 -12.43 -13.39 20.25
C LEU A 192 -11.05 -13.86 19.82
N ARG A 193 -10.10 -13.95 20.75
CA ARG A 193 -8.75 -14.35 20.37
C ARG A 193 -8.58 -15.86 20.25
N ARG A 194 -9.48 -16.65 20.83
CA ARG A 194 -9.20 -18.08 21.02
C ARG A 194 -9.07 -18.80 19.67
N VAL A 195 -8.00 -19.58 19.53
CA VAL A 195 -7.75 -20.33 18.31
C VAL A 195 -8.43 -21.68 18.41
N ASP A 196 -9.25 -22.00 17.40
CA ASP A 196 -9.96 -23.28 17.26
C ASP A 196 -9.38 -24.00 16.06
N TRP A 197 -8.58 -25.05 16.31
CA TRP A 197 -7.82 -25.66 15.22
C TRP A 197 -8.72 -26.27 14.15
N GLU A 198 -9.96 -26.60 14.49
CA GLU A 198 -10.86 -27.22 13.51
C GLU A 198 -11.57 -26.18 12.65
N GLN A 199 -12.01 -25.07 13.25
CA GLN A 199 -12.72 -24.04 12.51
C GLN A 199 -11.79 -23.04 11.81
N ASP A 200 -10.56 -22.88 12.27
CA ASP A 200 -9.70 -21.79 11.82
C ASP A 200 -8.71 -22.27 10.77
N ASP A 201 -8.74 -21.63 9.61
CA ASP A 201 -7.68 -21.83 8.64
C ASP A 201 -6.41 -21.09 9.09
N THR A 202 -5.30 -21.40 8.40
CA THR A 202 -4.00 -20.87 8.78
C THR A 202 -4.01 -19.34 8.89
N LYS A 203 -4.62 -18.65 7.92
CA LYS A 203 -4.62 -17.19 7.94
CA LYS A 203 -4.60 -17.20 7.95
C LYS A 203 -5.36 -16.66 9.15
N THR A 204 -6.41 -17.37 9.59
CA THR A 204 -7.18 -16.96 10.76
C THR A 204 -6.39 -17.20 12.06
N VAL A 205 -5.70 -18.34 12.16
CA VAL A 205 -4.81 -18.57 13.29
C VAL A 205 -3.75 -17.45 13.38
N LEU A 206 -3.13 -17.12 12.24
CA LEU A 206 -2.12 -16.07 12.21
C LEU A 206 -2.68 -14.75 12.71
N ARG A 207 -3.84 -14.34 12.18
CA ARG A 207 -4.46 -13.08 12.59
C ARG A 207 -4.66 -13.05 14.10
N LYS A 208 -5.17 -14.14 14.68
CA LYS A 208 -5.47 -14.14 16.10
C LYS A 208 -4.19 -14.06 16.94
N VAL A 209 -3.17 -14.83 16.57
CA VAL A 209 -1.91 -14.78 17.32
C VAL A 209 -1.24 -13.43 17.12
N TYR A 210 -1.16 -12.93 15.87
CA TYR A 210 -0.57 -11.61 15.63
C TYR A 210 -1.22 -10.53 16.47
N ALA A 211 -2.55 -10.57 16.56
CA ALA A 211 -3.29 -9.53 17.27
C ALA A 211 -3.04 -9.59 18.78
N SER A 212 -2.49 -10.69 19.26
CA SER A 212 -2.36 -10.94 20.68
C SER A 212 -0.90 -11.04 21.12
N ASP A 213 0.05 -10.74 20.24
CA ASP A 213 1.48 -10.96 20.45
C ASP A 213 2.14 -9.59 20.52
N ALA A 214 2.78 -9.26 21.65
CA ALA A 214 3.27 -10.20 22.66
C ALA A 214 2.42 -10.31 23.90
N ALA A 215 1.27 -9.63 23.91
CA ALA A 215 0.32 -9.78 25.00
C ALA A 215 -1.06 -9.50 24.44
N PRO A 216 -2.12 -10.15 24.95
CA PRO A 216 -2.08 -11.15 26.04
C PRO A 216 -1.85 -12.59 25.59
N GLY A 217 -1.53 -12.81 24.32
CA GLY A 217 -1.51 -14.16 23.78
C GLY A 217 -2.88 -14.66 23.39
N ALA A 218 -2.94 -15.58 22.43
CA ALA A 218 -4.20 -16.11 21.94
C ALA A 218 -4.45 -17.45 22.62
N SER A 219 -5.57 -17.57 23.33
CA SER A 219 -5.82 -18.80 24.06
C SER A 219 -6.12 -19.94 23.11
N SER A 220 -5.81 -21.14 23.55
CA SER A 220 -6.01 -22.33 22.73
C SER A 220 -5.86 -23.54 23.62
N LYS A 221 -6.17 -24.69 23.03
CA LYS A 221 -5.86 -25.98 23.61
C LYS A 221 -4.86 -26.68 22.70
N VAL A 222 -3.80 -27.25 23.27
CA VAL A 222 -2.79 -28.00 22.52
C VAL A 222 -2.43 -29.23 23.34
N LEU A 223 -2.62 -30.41 22.75
CA LEU A 223 -2.29 -31.67 23.44
C LEU A 223 -2.97 -31.76 24.80
N GLY A 224 -4.18 -31.21 24.91
CA GLY A 224 -4.93 -31.26 26.14
C GLY A 224 -4.68 -30.09 27.07
N LYS A 225 -3.66 -29.28 26.84
CA LYS A 225 -3.30 -28.19 27.75
C LYS A 225 -3.95 -26.88 27.31
N GLU A 226 -4.58 -26.19 28.26
CA GLU A 226 -4.95 -24.80 28.05
C GLU A 226 -3.70 -23.94 28.03
N VAL A 227 -3.43 -23.28 26.90
CA VAL A 227 -2.23 -22.47 26.73
C VAL A 227 -2.59 -21.18 26.03
N LEU A 228 -1.65 -20.24 26.08
CA LEU A 228 -1.67 -19.03 25.26
C LEU A 228 -0.57 -19.15 24.22
N LEU A 229 -0.89 -18.82 22.97
CA LEU A 229 0.01 -19.00 21.84
C LEU A 229 0.72 -17.69 21.49
N PHE A 230 1.99 -17.81 21.10
CA PHE A 230 2.78 -16.66 20.69
C PHE A 230 3.67 -17.03 19.52
N ASN A 231 3.98 -16.03 18.68
CA ASN A 231 4.98 -16.10 17.61
C ASN A 231 4.66 -17.23 16.62
N ALA A 232 3.64 -16.97 15.80
CA ALA A 232 3.16 -17.94 14.82
C ALA A 232 3.75 -17.71 13.43
N TYR A 233 3.96 -18.81 12.68
CA TYR A 233 4.46 -18.76 11.29
C TYR A 233 3.72 -19.79 10.44
N PRO A 234 3.31 -19.43 9.21
CA PRO A 234 2.61 -20.39 8.37
C PRO A 234 3.55 -21.51 7.93
N GLU A 235 2.98 -22.71 7.79
CA GLU A 235 3.67 -23.88 7.26
C GLU A 235 2.94 -24.34 6.00
N GLU A 236 3.69 -24.62 4.93
CA GLU A 236 3.10 -25.02 3.66
C GLU A 236 3.35 -26.47 3.25
N GLU A 237 4.36 -27.12 3.80
CA GLU A 237 4.66 -28.50 3.41
C GLU A 237 3.97 -29.53 4.30
N LEU A 238 4.13 -29.42 5.62
CA LEU A 238 3.59 -30.42 6.52
C LEU A 238 2.08 -30.26 6.66
N LYS A 239 1.37 -31.36 6.53
CA LYS A 239 -0.08 -31.36 6.69
C LYS A 239 -0.49 -32.55 7.54
N GLY A 240 -1.65 -32.41 8.16
CA GLY A 240 -2.18 -33.48 8.99
C GLY A 240 -3.60 -33.17 9.39
N LYS A 241 -3.97 -33.64 10.51
CA LYS A 241 -5.31 -33.40 11.02
C LYS A 241 -5.33 -32.12 11.84
N PRO A 242 -6.44 -31.39 11.86
CA PRO A 242 -6.50 -30.16 12.64
C PRO A 242 -6.17 -30.40 14.12
N GLY A 243 -5.29 -29.56 14.65
CA GLY A 243 -4.88 -29.67 16.03
C GLY A 243 -3.85 -30.73 16.32
N GLU A 244 -3.45 -31.54 15.33
CA GLU A 244 -2.41 -32.52 15.53
C GLU A 244 -1.03 -31.85 15.48
N VAL A 245 -0.14 -32.26 16.38
CA VAL A 245 1.24 -31.79 16.33
C VAL A 245 1.99 -32.60 15.27
N LEU A 246 2.46 -31.91 14.24
CA LEU A 246 3.07 -32.58 13.09
C LEU A 246 4.59 -32.69 13.17
N ALA A 247 5.25 -31.84 13.94
CA ALA A 247 6.70 -31.87 14.00
C ALA A 247 7.16 -30.91 15.07
N LEU A 248 8.42 -31.10 15.46
CA LEU A 248 9.18 -30.22 16.33
C LEU A 248 10.34 -29.62 15.54
N ARG A 249 10.66 -28.36 15.81
CA ARG A 249 11.83 -27.74 15.16
C ARG A 249 12.33 -26.61 16.05
N ASP A 250 13.51 -26.78 16.63
CA ASP A 250 14.09 -25.77 17.53
C ASP A 250 13.07 -25.36 18.60
N GLU A 251 12.44 -26.36 19.21
CA GLU A 251 11.50 -26.18 20.32
C GLU A 251 10.18 -25.53 19.91
N ALA A 252 10.04 -25.12 18.64
CA ALA A 252 8.73 -24.75 18.11
C ALA A 252 7.95 -26.00 17.69
N VAL A 253 6.62 -25.94 17.80
CA VAL A 253 5.75 -27.04 17.39
C VAL A 253 4.91 -26.60 16.19
N CYS A 254 4.69 -27.53 15.26
CA CYS A 254 3.89 -27.28 14.07
C CYS A 254 2.56 -28.02 14.23
N ILE A 255 1.45 -27.30 14.10
CA ILE A 255 0.13 -27.79 14.47
C ILE A 255 -0.81 -27.68 13.27
N GLY A 256 -1.57 -28.74 13.02
CA GLY A 256 -2.52 -28.72 11.91
C GLY A 256 -3.62 -27.71 12.13
N THR A 257 -4.01 -27.03 11.05
CA THR A 257 -5.16 -26.14 11.02
C THR A 257 -6.24 -26.71 10.10
N ARG A 258 -7.30 -25.94 9.89
CA ARG A 258 -8.40 -26.43 9.05
C ARG A 258 -7.92 -26.70 7.64
N ASP A 259 -7.15 -25.79 7.07
CA ASP A 259 -6.68 -25.92 5.69
C ASP A 259 -5.17 -26.21 5.59
N GLY A 260 -4.45 -26.32 6.70
CA GLY A 260 -3.01 -26.48 6.61
C GLY A 260 -2.28 -26.68 7.94
N ALA A 261 -1.29 -25.83 8.22
CA ALA A 261 -0.52 -25.96 9.46
C ALA A 261 0.14 -24.63 9.80
N VAL A 262 0.45 -24.46 11.09
CA VAL A 262 1.05 -23.24 11.63
C VAL A 262 2.02 -23.60 12.75
N TRP A 263 3.19 -22.93 12.75
CA TRP A 263 4.19 -23.09 13.80
C TRP A 263 3.91 -22.13 14.96
N ILE A 264 4.05 -22.61 16.19
CA ILE A 264 3.91 -21.80 17.39
C ILE A 264 5.23 -21.93 18.17
N THR A 265 6.02 -20.85 18.25
CA THR A 265 7.33 -21.00 18.87
C THR A 265 7.27 -20.88 20.39
N HIS A 266 6.27 -20.20 20.95
CA HIS A 266 6.26 -19.95 22.39
C HIS A 266 4.84 -20.02 22.91
N MET A 267 4.73 -20.43 24.18
CA MET A 267 3.45 -20.58 24.82
C MET A 267 3.58 -20.16 26.27
N ARG A 268 2.44 -19.94 26.89
CA ARG A 268 2.36 -19.76 28.33
C ARG A 268 1.15 -20.53 28.82
N GLU A 269 1.34 -21.37 29.84
CA GLU A 269 0.20 -22.01 30.48
C GLU A 269 -0.65 -20.97 31.18
N ARG A 270 -1.94 -21.26 31.32
CA ARG A 270 -2.86 -20.30 31.92
C ARG A 270 -2.95 -20.52 33.44
N LYS A 271 -1.80 -20.39 34.09
CA LYS A 271 -1.70 -20.44 35.55
C LYS A 271 -1.05 -19.16 36.04
N LYS A 272 -1.26 -18.87 37.33
CA LYS A 272 -0.79 -17.60 37.87
C LYS A 272 0.72 -17.48 37.79
N GLU A 273 1.44 -18.51 38.24
CA GLU A 273 2.89 -18.44 38.35
C GLU A 273 3.63 -18.60 37.03
N SER A 274 2.94 -18.91 35.93
CA SER A 274 3.63 -19.44 34.77
C SER A 274 4.16 -18.31 33.88
N ILE A 275 5.19 -18.65 33.11
CA ILE A 275 5.90 -17.67 32.30
C ILE A 275 5.97 -18.17 30.86
N LYS A 276 6.11 -17.22 29.96
CA LYS A 276 6.21 -17.50 28.54
C LYS A 276 7.52 -18.23 28.24
N LEU A 277 7.42 -19.37 27.52
CA LEU A 277 8.57 -20.24 27.25
C LEU A 277 8.49 -20.85 25.86
N PRO A 278 9.59 -21.41 25.33
CA PRO A 278 9.50 -22.15 24.07
C PRO A 278 8.48 -23.27 24.19
N SER A 279 7.75 -23.53 23.09
CA SER A 279 6.61 -24.45 23.16
C SER A 279 7.01 -25.80 23.69
N ALA A 280 8.21 -26.28 23.35
CA ALA A 280 8.60 -27.62 23.80
C ALA A 280 8.74 -27.68 25.31
N ARG A 281 9.20 -26.59 25.94
CA ARG A 281 9.36 -26.61 27.40
C ARG A 281 8.01 -26.50 28.11
N VAL A 282 7.03 -25.82 27.52
CA VAL A 282 5.71 -25.75 28.12
C VAL A 282 5.00 -27.10 28.04
N LEU A 283 4.99 -27.69 26.86
CA LEU A 283 4.26 -28.94 26.59
C LEU A 283 5.00 -30.16 27.13
N GLY A 284 6.33 -30.12 27.16
CA GLY A 284 7.08 -31.14 27.87
C GLY A 284 6.77 -32.54 27.42
N GLU A 285 6.52 -33.42 28.40
CA GLU A 285 6.35 -34.84 28.17
C GLU A 285 5.20 -35.17 27.21
N PHE A 286 4.26 -34.24 27.03
CA PHE A 286 3.12 -34.50 26.16
C PHE A 286 3.56 -34.70 24.70
N LEU A 287 4.72 -34.17 24.34
CA LEU A 287 5.27 -34.27 22.98
C LEU A 287 6.05 -35.55 22.74
N LYS A 288 6.19 -36.42 23.73
CA LYS A 288 6.99 -37.61 23.57
C LYS A 288 6.53 -38.40 22.36
N GLY A 289 7.43 -38.58 21.39
CA GLY A 289 7.11 -39.28 20.15
C GLY A 289 7.11 -38.40 18.92
N VAL A 290 6.94 -37.08 19.07
CA VAL A 290 7.03 -36.19 17.93
C VAL A 290 8.45 -36.21 17.37
N LYS A 291 8.58 -36.11 16.06
CA LYS A 291 9.88 -36.16 15.40
C LYS A 291 10.37 -34.74 15.12
N GLU A 292 11.62 -34.49 15.48
CA GLU A 292 12.28 -33.26 15.07
C GLU A 292 12.40 -33.24 13.55
N ASP A 293 12.08 -32.10 12.94
CA ASP A 293 12.15 -31.92 11.49
C ASP A 293 13.17 -30.84 11.18
N PRO A 294 14.46 -31.16 11.26
CA PRO A 294 15.49 -30.11 11.16
C PRO A 294 15.60 -29.53 9.77
N ILE A 295 15.95 -28.23 9.72
CA ILE A 295 16.29 -27.55 8.48
C ILE A 295 17.52 -26.69 8.81
N LYS A 296 18.66 -27.00 8.18
CA LYS A 296 19.86 -26.20 8.39
C LYS A 296 19.64 -24.78 7.85
N PRO A 297 20.26 -23.77 8.48
CA PRO A 297 20.03 -22.37 8.02
C PRO A 297 20.49 -22.12 6.60
N TRP A 298 21.46 -22.88 6.11
CA TRP A 298 22.00 -22.66 4.78
C TRP A 298 21.25 -23.42 3.69
N GLU A 299 20.24 -24.22 4.05
CA GLU A 299 19.46 -24.91 3.03
C GLU A 299 18.51 -23.94 2.36
N LYS A 300 18.22 -24.22 1.08
CA LYS A 300 17.21 -23.47 0.33
C LYS A 300 15.92 -24.26 0.34
N VAL A 301 14.81 -23.59 0.65
CA VAL A 301 13.47 -24.17 0.57
C VAL A 301 12.59 -23.22 -0.20
N ASP A 302 11.66 -23.75 -0.98
CA ASP A 302 10.78 -22.93 -1.81
C ASP A 302 9.32 -22.97 -1.35
N PHE A 303 9.12 -23.21 -0.05
CA PHE A 303 7.79 -23.13 0.55
C PHE A 303 7.92 -22.41 1.88
N LYS A 304 6.82 -21.87 2.39
CA LYS A 304 6.85 -21.17 3.66
C LYS A 304 6.97 -22.16 4.82
N THR A 305 7.84 -21.83 5.77
CA THR A 305 8.12 -22.71 6.90
C THR A 305 8.78 -21.86 8.00
N TYR A 306 9.02 -22.48 9.17
CA TYR A 306 9.63 -21.77 10.29
C TYR A 306 11.14 -21.92 10.22
N ARG A 307 11.84 -20.80 10.06
CA ARG A 307 13.31 -20.78 9.97
C ARG A 307 13.81 -19.82 11.04
N GLU A 308 14.24 -20.37 12.19
CA GLU A 308 14.76 -19.54 13.28
C GLU A 308 16.02 -18.78 12.85
N ILE A 309 16.94 -19.47 12.20
CA ILE A 309 18.18 -18.89 11.70
C ILE A 309 18.25 -19.11 10.20
N LEU A 310 18.58 -18.06 9.46
CA LEU A 310 18.70 -18.14 8.01
C LEU A 310 20.08 -17.63 7.60
N TYR A 311 20.74 -18.38 6.72
CA TYR A 311 22.03 -18.01 6.16
C TYR A 311 21.91 -17.87 4.65
N GLU A 312 22.23 -16.68 4.13
CA GLU A 312 22.19 -16.41 2.70
C GLU A 312 23.45 -15.65 2.25
N GLU A 313 23.95 -16.02 1.07
CA GLU A 313 25.09 -15.36 0.45
C GLU A 313 24.61 -14.53 -0.74
N GLU A 314 25.11 -13.29 -0.83
CA GLU A 314 24.91 -12.42 -1.98
C GLU A 314 26.16 -11.57 -2.18
N ASP A 315 26.76 -11.62 -3.36
CA ASP A 315 27.83 -10.68 -3.73
C ASP A 315 29.05 -10.81 -2.84
N GLY A 316 29.43 -12.05 -2.49
CA GLY A 316 30.57 -12.29 -1.63
C GLY A 316 30.34 -12.03 -0.15
N ILE A 317 29.09 -11.82 0.27
CA ILE A 317 28.75 -11.51 1.66
C ILE A 317 27.81 -12.59 2.18
N GLY A 318 28.13 -13.15 3.34
CA GLY A 318 27.28 -14.10 4.01
C GLY A 318 26.49 -13.42 5.11
N PHE A 319 25.16 -13.53 5.02
CA PHE A 319 24.23 -12.88 5.94
C PHE A 319 23.62 -13.93 6.86
N ILE A 320 23.67 -13.69 8.17
CA ILE A 320 23.05 -14.59 9.15
C ILE A 320 21.92 -13.82 9.83
N HIS A 321 20.68 -14.20 9.51
CA HIS A 321 19.52 -13.73 10.25
C HIS A 321 19.28 -14.69 11.40
N PHE A 322 19.01 -14.14 12.57
CA PHE A 322 18.63 -14.99 13.68
C PHE A 322 17.43 -14.36 14.37
N ASN A 323 16.31 -15.06 14.31
CA ASN A 323 15.04 -14.54 14.79
C ASN A 323 14.76 -15.21 16.13
N PHE A 324 15.41 -14.71 17.17
CA PHE A 324 15.21 -15.20 18.52
C PHE A 324 14.13 -14.35 19.18
N TYR A 325 13.11 -15.02 19.72
CA TYR A 325 11.93 -14.30 20.22
C TYR A 325 12.31 -13.38 21.37
N ALA A 326 11.86 -12.13 21.29
CA ALA A 326 12.12 -11.07 22.25
C ALA A 326 13.58 -10.63 22.25
N GLY A 327 14.38 -11.04 21.27
CA GLY A 327 15.80 -10.77 21.30
C GLY A 327 16.59 -11.57 22.33
N ALA A 328 15.94 -12.49 23.04
CA ALA A 328 16.58 -13.24 24.13
C ALA A 328 17.25 -14.48 23.57
N MET A 329 18.54 -14.69 23.87
CA MET A 329 19.30 -15.80 23.32
C MET A 329 19.51 -16.87 24.39
N SER A 330 18.78 -17.98 24.29
CA SER A 330 19.00 -19.08 25.22
C SER A 330 20.33 -19.77 24.94
N THR A 331 20.78 -20.56 25.92
CA THR A 331 21.97 -21.39 25.73
C THR A 331 21.90 -22.14 24.40
N GLU A 332 20.75 -22.79 24.13
CA GLU A 332 20.65 -23.61 22.93
C GLU A 332 20.60 -22.77 21.66
N GLN A 333 19.99 -21.58 21.70
CA GLN A 333 20.03 -20.69 20.53
C GLN A 333 21.44 -20.18 20.26
N CYS A 334 22.22 -19.88 21.33
CA CYS A 334 23.62 -19.51 21.14
C CYS A 334 24.38 -20.60 20.40
N TYR A 335 24.20 -21.85 20.82
CA TYR A 335 24.96 -22.91 20.17
C TYR A 335 24.49 -23.14 18.73
N ARG A 336 23.19 -22.94 18.43
CA ARG A 336 22.74 -23.02 17.04
C ARG A 336 23.32 -21.87 16.21
N LEU A 337 23.38 -20.66 16.77
CA LEU A 337 24.00 -19.53 16.07
C LEU A 337 25.49 -19.79 15.83
N LEU A 338 26.18 -20.32 16.84
CA LEU A 338 27.60 -20.64 16.69
C LEU A 338 27.83 -21.60 15.53
N GLU A 339 27.01 -22.65 15.43
CA GLU A 339 27.13 -23.60 14.33
C GLU A 339 27.03 -22.89 12.98
N THR A 340 26.16 -21.88 12.87
CA THR A 340 25.99 -21.19 11.59
C THR A 340 27.15 -20.23 11.30
N ILE A 341 27.70 -19.58 12.34
CA ILE A 341 28.89 -18.78 12.13
C ILE A 341 30.04 -19.67 11.66
N LYS A 342 30.23 -20.83 12.31
CA LYS A 342 31.29 -21.74 11.88
C LYS A 342 31.12 -22.15 10.42
N TYR A 343 29.90 -22.51 10.02
CA TYR A 343 29.63 -22.81 8.62
C TYR A 343 30.04 -21.65 7.72
N ALA A 344 29.62 -20.44 8.09
CA ALA A 344 29.89 -19.26 7.26
C ALA A 344 31.39 -19.01 7.11
N LYS A 345 32.16 -19.20 8.18
CA LYS A 345 33.60 -18.99 8.14
C LYS A 345 34.31 -20.00 7.24
N LYS A 346 33.62 -21.05 6.82
CA LYS A 346 34.20 -22.01 5.89
C LYS A 346 33.76 -21.77 4.44
N ARG A 347 32.93 -20.77 4.22
CA ARG A 347 32.39 -20.46 2.90
C ARG A 347 33.29 -19.47 2.17
N PRO A 348 33.21 -19.41 0.83
CA PRO A 348 34.00 -18.41 0.07
C PRO A 348 33.35 -17.04 0.06
N VAL A 349 33.19 -16.45 1.24
CA VAL A 349 32.64 -15.11 1.38
C VAL A 349 33.74 -14.20 1.91
N LYS A 350 33.63 -12.91 1.57
CA LYS A 350 34.59 -11.93 2.04
C LYS A 350 34.18 -11.32 3.38
N ALA A 351 32.89 -11.38 3.70
CA ALA A 351 32.35 -10.73 4.88
C ALA A 351 31.24 -11.59 5.44
N ILE A 352 31.06 -11.53 6.75
CA ILE A 352 29.95 -12.19 7.44
C ILE A 352 29.19 -11.11 8.20
N VAL A 353 27.88 -11.00 7.94
CA VAL A 353 27.02 -9.97 8.52
C VAL A 353 26.02 -10.64 9.45
N LEU A 354 26.06 -10.26 10.73
CA LEU A 354 25.06 -10.69 11.72
C LEU A 354 23.92 -9.69 11.71
N LEU A 355 22.73 -10.15 11.34
CA LEU A 355 21.60 -9.26 11.16
C LEU A 355 20.53 -9.36 12.25
N GLY A 356 20.64 -10.30 13.18
CA GLY A 356 19.58 -10.43 14.19
C GLY A 356 18.23 -10.60 13.52
N SER A 357 17.21 -9.93 14.08
CA SER A 357 15.89 -9.83 13.43
C SER A 357 15.50 -8.38 13.24
N GLU A 358 14.38 -8.14 12.54
CA GLU A 358 13.98 -6.75 12.29
C GLU A 358 13.73 -6.00 13.58
N ASP A 359 13.19 -6.66 14.61
CA ASP A 359 12.79 -5.95 15.81
C ASP A 359 13.87 -5.89 16.89
N PHE A 360 14.80 -6.85 16.90
CA PHE A 360 15.88 -6.82 17.88
C PHE A 360 17.16 -7.31 17.23
N PHE A 361 18.29 -6.67 17.58
CA PHE A 361 19.55 -7.33 17.25
C PHE A 361 19.80 -8.44 18.24
N SER A 362 19.87 -8.10 19.52
CA SER A 362 19.95 -9.07 20.60
C SER A 362 19.80 -8.34 21.94
N ASN A 363 19.19 -9.02 22.89
CA ASN A 363 19.04 -8.52 24.25
C ASN A 363 19.82 -9.34 25.27
N GLY A 364 20.68 -10.26 24.81
CA GLY A 364 21.56 -11.00 25.69
C GLY A 364 21.01 -12.35 26.13
N MET A 365 21.30 -12.75 27.37
CA MET A 365 20.88 -14.06 27.87
C MET A 365 19.36 -14.15 27.92
N ASN A 366 18.85 -15.37 27.79
CA ASN A 366 17.40 -15.59 27.86
C ASN A 366 17.05 -15.76 29.33
N LEU A 367 16.47 -14.71 29.91
CA LEU A 367 16.10 -14.71 31.32
C LEU A 367 14.94 -15.65 31.63
N ASN A 368 14.03 -15.85 30.67
CA ASN A 368 12.92 -16.76 30.91
C ASN A 368 13.40 -18.22 30.99
N THR A 369 14.28 -18.63 30.08
CA THR A 369 14.74 -20.02 30.17
C THR A 369 15.66 -20.20 31.37
N ILE A 370 16.36 -19.14 31.75
CA ILE A 370 17.14 -19.17 32.98
C ILE A 370 16.21 -19.29 34.18
N GLU A 371 15.17 -18.44 34.23
CA GLU A 371 14.25 -18.50 35.35
C GLU A 371 13.57 -19.86 35.45
N ASN A 372 13.41 -20.56 34.34
CA ASN A 372 12.66 -21.81 34.33
C ASN A 372 13.53 -23.01 34.66
N ALA A 373 14.83 -22.84 34.68
CA ALA A 373 15.75 -23.95 34.88
C ALA A 373 15.74 -24.45 36.33
N GLU A 374 16.16 -25.71 36.48
CA GLU A 374 16.25 -26.32 37.80
C GLU A 374 17.21 -25.54 38.70
N SER A 375 18.32 -25.07 38.14
CA SER A 375 19.20 -24.13 38.82
C SER A 375 19.36 -22.92 37.93
N PRO A 376 18.71 -21.81 38.26
CA PRO A 376 18.94 -20.58 37.49
C PRO A 376 20.41 -20.20 37.42
N ALA A 377 21.16 -20.39 38.50
CA ALA A 377 22.57 -20.01 38.49
C ALA A 377 23.36 -20.87 37.51
N ASP A 378 23.15 -22.19 37.52
CA ASP A 378 23.82 -23.06 36.55
C ASP A 378 23.41 -22.72 35.10
N GLU A 379 22.15 -22.37 34.88
CA GLU A 379 21.74 -22.06 33.51
C GLU A 379 22.32 -20.71 33.06
N SER A 380 22.37 -19.76 33.99
CA SER A 380 23.07 -18.50 33.72
C SER A 380 24.51 -18.75 33.30
N TRP A 381 25.22 -19.62 34.04
CA TRP A 381 26.59 -19.94 33.68
C TRP A 381 26.66 -20.60 32.31
N ARG A 382 25.74 -21.52 32.03
CA ARG A 382 25.66 -22.11 30.69
C ARG A 382 25.44 -21.05 29.62
N ASN A 383 24.51 -20.13 29.88
CA ASN A 383 24.12 -19.15 28.87
C ASN A 383 25.26 -18.16 28.59
N ILE A 384 25.99 -17.73 29.64
CA ILE A 384 27.04 -16.74 29.41
C ILE A 384 28.21 -17.37 28.69
N ASN A 385 28.52 -18.64 29.01
CA ASN A 385 29.57 -19.31 28.25
C ASN A 385 29.15 -19.56 26.82
N ALA A 386 27.86 -19.81 26.59
CA ALA A 386 27.39 -20.03 25.22
C ALA A 386 27.52 -18.74 24.40
N ILE A 387 27.06 -17.62 24.95
CA ILE A 387 27.22 -16.32 24.29
C ILE A 387 28.70 -16.03 24.01
N ASP A 388 29.58 -16.27 25.00
CA ASP A 388 31.00 -15.97 24.82
C ASP A 388 31.60 -16.86 23.73
N ASP A 389 31.10 -18.11 23.58
CA ASP A 389 31.60 -18.95 22.50
C ASP A 389 31.26 -18.33 21.14
N VAL A 390 30.07 -17.77 21.00
CA VAL A 390 29.72 -17.03 19.78
C VAL A 390 30.67 -15.86 19.59
N CYS A 391 30.84 -15.04 20.64
CA CYS A 391 31.70 -13.86 20.56
C CYS A 391 33.13 -14.26 20.19
N GLU A 392 33.65 -15.29 20.85
CA GLU A 392 35.01 -15.74 20.59
C GLU A 392 35.17 -16.16 19.13
N GLU A 393 34.18 -16.90 18.61
CA GLU A 393 34.26 -17.37 17.23
C GLU A 393 34.27 -16.19 16.25
N ILE A 394 33.48 -15.16 16.54
CA ILE A 394 33.49 -13.96 15.73
C ILE A 394 34.86 -13.29 15.75
N LEU A 395 35.43 -13.10 16.95
CA LEU A 395 36.70 -12.39 17.08
C LEU A 395 37.83 -13.12 16.34
N LYS A 396 37.85 -14.45 16.43
CA LYS A 396 38.89 -15.26 15.83
C LYS A 396 38.56 -15.58 14.38
N THR A 397 38.31 -14.54 13.59
CA THR A 397 37.96 -14.68 12.18
C THR A 397 39.00 -13.87 11.41
N PRO A 398 40.16 -14.45 11.14
CA PRO A 398 41.30 -13.65 10.65
C PRO A 398 41.13 -13.18 9.22
N ASP A 399 40.36 -13.88 8.40
CA ASP A 399 40.42 -13.68 6.95
C ASP A 399 39.13 -13.15 6.34
N LYS A 400 38.18 -12.73 7.16
CA LYS A 400 36.91 -12.21 6.68
C LYS A 400 36.53 -10.99 7.51
N LEU A 401 35.85 -10.06 6.88
CA LEU A 401 35.24 -8.95 7.61
C LEU A 401 34.02 -9.45 8.37
N THR A 402 33.85 -9.01 9.61
CA THR A 402 32.65 -9.32 10.38
C THR A 402 31.91 -8.03 10.67
N VAL A 403 30.59 -8.05 10.53
CA VAL A 403 29.76 -6.85 10.58
C VAL A 403 28.52 -7.18 11.40
N ALA A 404 28.16 -6.32 12.35
CA ALA A 404 26.89 -6.41 13.06
C ALA A 404 25.95 -5.37 12.48
N GLY A 405 24.81 -5.81 11.97
CA GLY A 405 23.81 -4.91 11.46
C GLY A 405 22.60 -4.90 12.38
N MET A 406 22.44 -3.81 13.13
CA MET A 406 21.41 -3.72 14.17
C MET A 406 20.18 -3.09 13.54
N GLN A 407 19.24 -3.93 13.07
CA GLN A 407 17.97 -3.46 12.53
C GLN A 407 17.04 -2.97 13.65
N GLY A 408 17.20 -3.51 14.85
CA GLY A 408 16.33 -3.22 15.96
C GLY A 408 17.12 -3.04 17.24
N ASN A 409 16.38 -2.88 18.35
CA ASN A 409 16.96 -2.54 19.63
C ASN A 409 17.89 -3.64 20.11
N ALA A 410 18.77 -3.25 21.03
CA ALA A 410 19.74 -4.15 21.61
C ALA A 410 20.01 -3.69 23.03
N GLY A 411 20.28 -4.65 23.91
CA GLY A 411 20.62 -4.34 25.29
C GLY A 411 21.44 -5.41 25.98
N ALA A 412 22.10 -4.99 27.04
CA ALA A 412 22.82 -5.95 27.91
C ALA A 412 23.82 -6.71 27.04
N GLY A 413 24.00 -8.03 27.24
CA GLY A 413 24.97 -8.77 26.44
C GLY A 413 24.75 -8.69 24.94
N GLY A 414 23.53 -8.35 24.49
CA GLY A 414 23.28 -8.22 23.07
C GLY A 414 24.03 -7.05 22.45
N VAL A 415 24.20 -5.95 23.20
CA VAL A 415 24.98 -4.84 22.67
C VAL A 415 26.45 -5.24 22.52
N PHE A 416 26.98 -5.96 23.51
CA PHE A 416 28.39 -6.26 23.48
C PHE A 416 28.69 -7.42 22.54
N LEU A 417 27.70 -8.27 22.23
CA LEU A 417 27.85 -9.18 21.11
C LEU A 417 28.13 -8.43 19.80
N ALA A 418 27.35 -7.38 19.53
CA ALA A 418 27.60 -6.59 18.31
C ALA A 418 29.03 -6.07 18.26
N LEU A 419 29.54 -5.61 19.41
CA LEU A 419 30.84 -4.94 19.39
C LEU A 419 31.99 -5.90 19.12
N THR A 420 31.76 -7.22 19.14
CA THR A 420 32.84 -8.12 18.73
C THR A 420 33.05 -8.10 17.23
N CYS A 421 32.08 -7.62 16.46
CA CYS A 421 32.24 -7.52 15.01
C CYS A 421 33.18 -6.37 14.64
N ASP A 422 33.89 -6.52 13.51
CA ASP A 422 34.78 -5.43 13.09
C ASP A 422 34.02 -4.12 12.98
N LEU A 423 32.83 -4.17 12.38
CA LEU A 423 32.02 -2.99 12.08
C LEU A 423 30.63 -3.17 12.68
N VAL A 424 30.09 -2.10 13.25
CA VAL A 424 28.74 -2.13 13.80
C VAL A 424 27.94 -0.99 13.19
N PHE A 425 26.83 -1.33 12.54
CA PHE A 425 25.93 -0.33 11.99
C PHE A 425 24.55 -0.56 12.56
N ALA A 426 23.75 0.52 12.64
CA ALA A 426 22.40 0.43 13.18
C ALA A 426 21.41 1.27 12.37
N ARG A 427 20.15 0.83 12.37
CA ARG A 427 19.08 1.62 11.75
C ARG A 427 18.88 2.89 12.56
N GLU A 428 18.40 3.93 11.89
CA GLU A 428 18.02 5.15 12.62
C GLU A 428 16.85 4.83 13.54
N GLY A 429 16.95 5.28 14.79
CA GLY A 429 15.87 5.10 15.74
C GLY A 429 16.03 3.89 16.64
N VAL A 430 17.03 3.05 16.38
CA VAL A 430 17.37 1.95 17.28
C VAL A 430 17.69 2.49 18.67
N VAL A 431 17.20 1.80 19.70
CA VAL A 431 17.46 2.17 21.09
C VAL A 431 18.42 1.15 21.68
N LEU A 432 19.47 1.64 22.33
CA LEU A 432 20.51 0.81 22.93
C LEU A 432 20.53 0.96 24.45
N ASN A 433 20.70 -0.17 25.15
CA ASN A 433 20.97 -0.19 26.59
C ASN A 433 22.28 -0.92 26.84
N PRO A 434 23.42 -0.26 26.64
CA PRO A 434 24.73 -0.92 26.80
C PRO A 434 25.20 -0.96 28.25
N HIS A 435 24.39 -1.57 29.10
CA HIS A 435 24.64 -1.65 30.54
C HIS A 435 23.86 -2.83 31.09
N TYR A 436 24.10 -3.13 32.36
CA TYR A 436 23.47 -4.24 33.05
C TYR A 436 22.68 -3.77 34.26
N LYS A 437 22.40 -2.46 34.34
CA LYS A 437 21.85 -1.92 35.58
C LYS A 437 20.39 -2.32 35.81
N ASN A 438 19.72 -2.89 34.82
CA ASN A 438 18.38 -3.41 34.95
C ASN A 438 18.34 -4.87 35.34
N ILE A 439 19.49 -5.53 35.42
CA ILE A 439 19.49 -6.97 35.70
C ILE A 439 20.52 -7.23 36.81
N GLY A 440 20.47 -6.41 37.86
CA GLY A 440 21.27 -6.67 39.05
C GLY A 440 22.74 -6.33 38.93
N ASN A 441 23.10 -5.37 38.08
CA ASN A 441 24.48 -4.88 37.98
CA ASN A 441 24.48 -4.86 37.95
C ASN A 441 25.47 -6.00 37.64
N LEU A 442 25.06 -6.93 36.78
CA LEU A 442 26.00 -7.91 36.25
C LEU A 442 27.24 -7.22 35.69
N TYR A 443 28.39 -7.86 35.85
CA TYR A 443 29.62 -7.29 35.31
C TYR A 443 29.63 -7.29 33.79
N GLY A 444 28.97 -8.27 33.18
CA GLY A 444 28.97 -8.42 31.74
C GLY A 444 30.16 -9.25 31.26
N SER A 445 29.99 -9.86 30.09
CA SER A 445 31.16 -10.49 29.49
C SER A 445 31.23 -10.11 28.01
N GLU A 446 31.17 -11.11 27.13
CA GLU A 446 31.20 -10.88 25.69
C GLU A 446 32.48 -10.16 25.24
N PHE A 447 33.57 -10.26 26.03
CA PHE A 447 34.86 -9.64 25.72
C PHE A 447 34.77 -8.12 25.74
N TRP A 448 33.82 -7.56 26.50
CA TRP A 448 33.69 -6.10 26.56
C TRP A 448 34.94 -5.43 27.12
N THR A 449 35.68 -6.10 28.01
CA THR A 449 36.91 -5.50 28.51
C THR A 449 37.97 -5.39 27.43
N TYR A 450 37.76 -6.04 26.27
CA TYR A 450 38.61 -5.83 25.10
C TYR A 450 37.98 -4.89 24.07
N THR A 451 36.70 -5.11 23.72
CA THR A 451 36.09 -4.35 22.63
C THR A 451 35.79 -2.92 23.04
N LEU A 452 35.28 -2.71 24.27
CA LEU A 452 34.77 -1.39 24.61
C LEU A 452 35.87 -0.33 24.69
N PRO A 453 37.00 -0.55 25.37
CA PRO A 453 38.05 0.48 25.36
C PRO A 453 38.66 0.71 23.99
N LYS A 454 38.78 -0.31 23.14
CA LYS A 454 39.20 -0.07 21.76
C LYS A 454 38.27 0.88 21.02
N ARG A 455 37.03 1.06 21.46
CA ARG A 455 36.13 1.90 20.71
C ARG A 455 35.93 3.27 21.33
N VAL A 456 35.93 3.39 22.66
CA VAL A 456 35.61 4.66 23.30
C VAL A 456 36.63 5.06 24.36
N GLY A 457 37.61 4.22 24.67
CA GLY A 457 38.51 4.44 25.79
C GLY A 457 37.91 3.95 27.11
N TRP A 458 38.81 3.68 28.07
CA TRP A 458 38.36 3.06 29.33
C TRP A 458 37.44 3.99 30.12
N GLU A 459 37.81 5.27 30.21
CA GLU A 459 37.07 6.21 31.04
C GLU A 459 35.63 6.33 30.55
N LYS A 460 35.46 6.62 29.25
CA LYS A 460 34.12 6.76 28.69
C LYS A 460 33.40 5.42 28.68
N GLY A 461 34.13 4.33 28.45
CA GLY A 461 33.50 3.02 28.51
C GLY A 461 32.83 2.76 29.85
N LYS A 462 33.52 3.10 30.94
CA LYS A 462 32.95 2.93 32.27
C LYS A 462 31.72 3.83 32.48
N GLU A 463 31.80 5.08 32.01
CA GLU A 463 30.61 5.95 32.05
C GLU A 463 29.46 5.33 31.27
N VAL A 464 29.73 4.74 30.12
CA VAL A 464 28.65 4.18 29.29
C VAL A 464 27.91 3.10 30.06
N MET A 465 28.65 2.23 30.75
CA MET A 465 28.05 1.10 31.46
C MET A 465 27.46 1.48 32.82
N GLU A 466 27.81 2.65 33.36
CA GLU A 466 27.12 3.16 34.55
C GLU A 466 25.80 3.87 34.23
N ASN A 467 25.54 4.18 32.97
CA ASN A 467 24.33 4.94 32.63
C ASN A 467 23.18 3.97 32.51
N ARG A 468 22.21 4.08 33.41
CA ARG A 468 21.03 3.24 33.35
C ARG A 468 20.02 3.68 32.30
N MET A 469 20.15 4.92 31.76
CA MET A 469 19.14 5.37 30.82
C MET A 469 19.58 5.05 29.39
N PRO A 470 18.64 4.88 28.45
CA PRO A 470 19.01 4.43 27.10
C PRO A 470 19.65 5.54 26.27
N ILE A 471 20.31 5.11 25.19
CA ILE A 471 20.81 6.04 24.17
C ILE A 471 20.32 5.55 22.81
N SER A 472 20.22 6.49 21.87
CA SER A 472 19.84 6.12 20.53
C SER A 472 21.07 5.71 19.73
N SER A 473 20.84 5.09 18.57
CA SER A 473 21.95 4.72 17.71
C SER A 473 22.67 5.95 17.17
N LYS A 474 21.97 7.06 17.03
CA LYS A 474 22.65 8.30 16.66
C LYS A 474 23.63 8.74 17.74
N LYS A 475 23.20 8.73 19.00
CA LYS A 475 24.11 9.03 20.11
C LYS A 475 25.25 8.02 20.19
N ALA A 476 24.95 6.74 19.96
CA ALA A 476 26.00 5.72 19.99
C ALA A 476 27.05 5.96 18.92
N PHE A 477 26.62 6.43 17.75
CA PHE A 477 27.57 6.74 16.69
C PHE A 477 28.40 7.97 17.05
N GLU A 478 27.75 9.01 17.57
CA GLU A 478 28.46 10.24 17.92
C GLU A 478 29.52 10.00 18.99
N ILE A 479 29.30 9.07 19.92
CA ILE A 479 30.31 8.81 20.94
C ILE A 479 31.30 7.73 20.52
N GLY A 480 31.18 7.18 19.32
CA GLY A 480 32.16 6.23 18.82
C GLY A 480 31.90 4.79 19.19
N LEU A 481 30.74 4.50 19.80
CA LEU A 481 30.41 3.13 20.19
C LEU A 481 30.13 2.27 18.96
N ILE A 482 29.55 2.83 17.91
CA ILE A 482 29.27 2.11 16.69
C ILE A 482 29.81 2.92 15.51
N ASP A 483 29.85 2.29 14.35
CA ASP A 483 30.52 2.86 13.18
C ASP A 483 29.61 3.58 12.20
N GLY A 484 28.30 3.46 12.31
CA GLY A 484 27.43 4.22 11.40
C GLY A 484 25.98 3.96 11.70
N VAL A 485 25.15 4.93 11.32
CA VAL A 485 23.71 4.85 11.51
C VAL A 485 23.03 5.38 10.26
N PHE A 486 22.08 4.61 9.73
CA PHE A 486 21.46 4.99 8.47
C PHE A 486 20.21 4.14 8.27
N GLY A 487 19.26 4.67 7.48
CA GLY A 487 18.03 3.99 7.13
C GLY A 487 16.91 4.19 8.15
N LYS A 488 15.67 4.37 7.67
CA LYS A 488 14.53 4.57 8.56
C LYS A 488 13.82 3.27 8.91
N THR A 489 13.79 2.31 8.00
CA THR A 489 13.12 1.06 8.25
C THR A 489 14.13 -0.08 8.23
N PRO A 490 13.80 -1.22 8.84
CA PRO A 490 14.68 -2.39 8.68
C PRO A 490 15.09 -2.68 7.24
N LYS A 491 14.14 -2.69 6.29
CA LYS A 491 14.49 -3.01 4.91
C LYS A 491 15.45 -2.00 4.33
N GLU A 492 15.16 -0.72 4.51
CA GLU A 492 16.07 0.31 4.01
C GLU A 492 17.45 0.15 4.63
N PHE A 493 17.51 -0.19 5.92
CA PHE A 493 18.80 -0.36 6.58
C PHE A 493 19.57 -1.53 5.98
N ARG A 494 18.90 -2.67 5.76
CA ARG A 494 19.59 -3.81 5.15
C ARG A 494 20.10 -3.47 3.77
N GLN A 495 19.35 -2.69 2.99
CA GLN A 495 19.77 -2.42 1.62
C GLN A 495 20.99 -1.51 1.62
N ARG A 496 20.98 -0.45 2.44
CA ARG A 496 22.16 0.40 2.51
C ARG A 496 23.34 -0.31 3.15
N LEU A 497 23.08 -1.26 4.06
CA LEU A 497 24.19 -2.00 4.68
C LEU A 497 24.90 -2.86 3.64
N LYS A 498 24.14 -3.65 2.88
CA LYS A 498 24.72 -4.50 1.85
C LYS A 498 25.50 -3.68 0.83
N GLU A 499 24.92 -2.55 0.39
CA GLU A 499 25.61 -1.67 -0.56
C GLU A 499 26.94 -1.20 0.00
N ARG A 500 26.97 -0.80 1.27
CA ARG A 500 28.20 -0.28 1.84
C ARG A 500 29.24 -1.37 2.03
N ILE A 501 28.82 -2.56 2.47
CA ILE A 501 29.76 -3.65 2.62
C ILE A 501 30.27 -4.11 1.25
N LYS A 502 29.36 -4.22 0.28
CA LYS A 502 29.75 -4.64 -1.07
C LYS A 502 30.81 -3.70 -1.64
N ASN A 503 30.63 -2.39 -1.46
CA ASN A 503 31.62 -1.43 -1.94
C ASN A 503 32.95 -1.65 -1.25
N PHE A 504 32.94 -1.89 0.06
CA PHE A 504 34.21 -2.02 0.78
C PHE A 504 34.98 -3.24 0.31
N ILE A 505 34.33 -4.41 0.24
CA ILE A 505 35.04 -5.62 -0.12
C ILE A 505 35.50 -5.61 -1.57
N ASN A 506 35.00 -4.71 -2.39
CA ASN A 506 35.49 -4.59 -3.75
C ASN A 506 36.48 -3.44 -3.91
N SER A 507 37.06 -2.95 -2.81
CA SER A 507 38.06 -1.88 -2.86
C SER A 507 39.43 -2.41 -2.47
N LYS A 508 40.46 -1.64 -2.82
CA LYS A 508 41.82 -2.01 -2.39
C LYS A 508 41.94 -2.00 -0.89
N ASP A 509 41.21 -1.10 -0.21
CA ASP A 509 41.28 -1.01 1.24
C ASP A 509 40.94 -2.33 1.92
N PHE A 510 40.03 -3.12 1.34
CA PHE A 510 39.66 -4.37 2.01
C PHE A 510 40.81 -5.35 2.06
N TYR A 511 41.54 -5.50 0.95
CA TYR A 511 42.59 -6.49 0.96
C TYR A 511 43.76 -6.09 1.85
N GLU A 512 44.05 -4.79 1.98
CA GLU A 512 45.03 -4.35 2.97
C GLU A 512 44.56 -4.68 4.39
N PHE A 513 43.29 -4.40 4.67
CA PHE A 513 42.70 -4.64 5.97
C PHE A 513 42.78 -6.11 6.36
N ILE A 514 42.45 -7.01 5.42
CA ILE A 514 42.46 -8.43 5.75
C ILE A 514 43.89 -8.92 6.00
N GLU A 515 44.86 -8.42 5.24
CA GLU A 515 46.24 -8.84 5.47
C GLU A 515 46.72 -8.44 6.86
N LYS A 516 46.29 -7.27 7.36
CA LYS A 516 46.60 -6.89 8.73
C LYS A 516 45.88 -7.77 9.74
N LYS A 517 44.57 -8.02 9.51
CA LYS A 517 43.79 -8.83 10.45
C LYS A 517 44.35 -10.24 10.55
N LYS A 518 44.70 -10.83 9.42
CA LYS A 518 45.30 -12.15 9.42
C LYS A 518 46.52 -12.19 10.33
N LYS A 519 47.33 -11.13 10.30
CA LYS A 519 48.54 -11.07 11.13
C LYS A 519 48.20 -10.93 12.61
N GLU A 520 47.23 -10.06 12.93
CA GLU A 520 46.92 -9.79 14.33
C GLU A 520 46.18 -10.96 14.98
N ARG A 521 45.18 -11.50 14.30
CA ARG A 521 44.29 -12.46 14.93
C ARG A 521 44.85 -13.87 14.95
N THR A 522 46.00 -14.12 14.34
CA THR A 522 46.70 -15.40 14.50
C THR A 522 47.91 -15.30 15.40
N SER A 523 48.23 -14.12 15.93
CA SER A 523 49.39 -13.99 16.81
C SER A 523 49.06 -14.51 18.20
N GLY A 524 50.07 -15.09 18.85
CA GLY A 524 49.87 -15.62 20.19
C GLY A 524 49.53 -14.53 21.19
N GLU A 525 50.14 -13.35 21.03
CA GLU A 525 49.88 -12.25 21.95
C GLU A 525 48.41 -11.89 21.97
N TRP A 526 47.83 -11.66 20.78
CA TRP A 526 46.44 -11.22 20.72
C TRP A 526 45.52 -12.30 21.28
N LEU A 527 45.79 -13.56 20.96
CA LEU A 527 44.95 -14.65 21.44
C LEU A 527 45.02 -14.79 22.96
N GLU A 528 46.22 -14.61 23.55
CA GLU A 528 46.29 -14.66 25.01
C GLU A 528 45.58 -13.47 25.63
N GLU A 529 45.71 -12.28 25.03
CA GLU A 529 44.96 -11.12 25.49
C GLU A 529 43.44 -11.39 25.56
N ILE A 530 42.83 -11.83 24.44
CA ILE A 530 41.37 -11.98 24.49
C ILE A 530 41.00 -13.09 25.46
N GLN A 531 41.80 -14.14 25.55
CA GLN A 531 41.50 -15.21 26.49
C GLN A 531 41.55 -14.72 27.94
N LYS A 532 42.52 -13.86 28.28
CA LYS A 532 42.58 -13.30 29.63
C LYS A 532 41.36 -12.43 29.94
N CYS A 533 40.90 -11.65 28.96
CA CYS A 533 39.69 -10.85 29.13
C CYS A 533 38.48 -11.74 29.40
N ARG A 534 38.31 -12.83 28.63
CA ARG A 534 37.22 -13.77 28.90
C ARG A 534 37.31 -14.32 30.32
N GLU A 535 38.49 -14.78 30.72
CA GLU A 535 38.64 -15.37 32.06
C GLU A 535 38.28 -14.37 33.14
N HIS A 536 38.80 -13.14 33.04
CA HIS A 536 38.51 -12.12 34.04
C HIS A 536 37.03 -11.77 34.08
N GLU A 537 36.38 -11.65 32.92
CA GLU A 537 34.96 -11.34 32.88
C GLU A 537 34.14 -12.48 33.50
N LEU A 538 34.47 -13.72 33.16
CA LEU A 538 33.72 -14.86 33.64
C LEU A 538 33.87 -15.08 35.14
N GLU A 539 35.02 -14.70 35.71
CA GLU A 539 35.17 -14.77 37.15
C GLU A 539 34.25 -13.80 37.85
N LYS A 540 34.07 -12.60 37.28
CA LYS A 540 33.13 -11.63 37.82
C LYS A 540 31.69 -12.11 37.68
N MET A 541 31.32 -12.62 36.50
CA MET A 541 29.97 -13.16 36.32
C MET A 541 29.72 -14.34 37.26
N LYS A 542 30.76 -15.15 37.51
CA LYS A 542 30.65 -16.23 38.50
C LYS A 542 30.27 -15.68 39.87
N LEU A 543 30.90 -14.58 40.27
CA LEU A 543 30.52 -13.88 41.49
C LEU A 543 29.06 -13.42 41.43
N ASN A 544 28.66 -12.83 40.30
CA ASN A 544 27.26 -12.39 40.13
C ASN A 544 26.30 -13.55 40.29
N PHE A 545 26.58 -14.68 39.62
CA PHE A 545 25.62 -15.79 39.56
C PHE A 545 25.59 -16.61 40.85
N TYR A 546 26.72 -16.74 41.55
CA TYR A 546 26.85 -17.65 42.68
C TYR A 546 27.25 -16.99 44.00
N GLY A 547 27.82 -15.79 43.96
CA GLY A 547 28.23 -15.14 45.19
C GLY A 547 27.08 -14.92 46.15
N PHE A 548 27.44 -14.65 47.40
CA PHE A 548 26.42 -14.52 48.44
C PHE A 548 25.40 -13.44 48.09
N ASP A 549 25.84 -12.36 47.47
CA ASP A 549 24.91 -11.35 47.02
C ASP A 549 24.14 -11.86 45.79
N THR A 550 22.83 -12.03 45.94
CA THR A 550 21.96 -12.57 44.89
C THR A 550 21.17 -11.46 44.19
N SER A 551 21.75 -10.27 44.10
CA SER A 551 21.08 -9.13 43.47
C SER A 551 20.70 -9.42 42.02
N TYR A 552 21.48 -10.27 41.34
CA TYR A 552 21.16 -10.61 39.95
C TYR A 552 19.86 -11.44 39.88
N HIS A 553 19.79 -12.49 40.71
CA HIS A 553 18.61 -13.35 40.71
C HIS A 553 17.36 -12.57 41.08
N ILE A 554 17.47 -11.63 42.01
CA ILE A 554 16.31 -10.87 42.42
C ILE A 554 15.81 -10.02 41.28
N ALA A 555 16.72 -9.29 40.62
CA ALA A 555 16.32 -8.47 39.48
C ALA A 555 15.70 -9.31 38.37
N ARG A 556 16.22 -10.53 38.15
CA ARG A 556 15.66 -11.37 37.09
C ARG A 556 14.25 -11.79 37.42
N TYR A 557 13.97 -12.08 38.70
CA TYR A 557 12.63 -12.51 39.11
C TYR A 557 11.60 -11.43 38.86
N TYR A 558 11.87 -10.20 39.31
CA TYR A 558 10.93 -9.10 39.08
C TYR A 558 10.67 -8.87 37.60
N PHE A 559 11.71 -9.01 36.77
CA PHE A 559 11.55 -8.74 35.34
C PHE A 559 10.73 -9.83 34.65
N VAL A 560 11.16 -11.08 34.77
CA VAL A 560 10.50 -12.20 34.09
C VAL A 560 9.04 -12.31 34.53
N ARG A 561 8.77 -12.11 35.82
CA ARG A 561 7.43 -12.23 36.38
C ARG A 561 6.62 -10.95 36.31
N ALA A 562 7.17 -9.87 35.73
CA ALA A 562 6.47 -8.60 35.57
C ALA A 562 5.84 -8.11 36.88
N LYS A 563 6.60 -8.21 37.98
CA LYS A 563 6.09 -7.80 39.28
C LYS A 563 5.80 -6.31 39.30
N PRO A 564 4.70 -5.88 39.92
CA PRO A 564 4.31 -4.46 39.83
C PRO A 564 5.21 -3.58 40.69
N HIS A 565 5.21 -2.28 40.35
CA HIS A 565 5.95 -1.28 41.09
C HIS A 565 5.05 -0.58 42.11
N PHE A 566 5.64 -0.19 43.24
CA PHE A 566 4.94 0.52 44.30
C PHE A 566 5.46 1.95 44.47
N ARG A 567 6.39 2.36 43.60
CA ARG A 567 6.91 3.72 43.55
C ARG A 567 7.78 3.80 42.31
N THR A 568 8.23 5.01 42.00
CA THR A 568 9.12 5.22 40.87
C THR A 568 10.53 5.42 41.37
N PRO A 569 11.48 4.61 40.91
CA PRO A 569 12.85 4.74 41.40
C PRO A 569 13.42 6.11 41.07
N PRO A 570 14.34 6.61 41.90
CA PRO A 570 14.90 7.95 41.66
C PRO A 570 15.65 8.10 40.34
N TYR A 571 16.21 7.01 39.79
CA TYR A 571 16.93 7.16 38.54
C TYR A 571 15.99 7.54 37.40
N LEU A 572 14.71 7.15 37.52
CA LEU A 572 13.66 7.59 36.60
C LEU A 572 13.05 8.92 37.02
N ALA A 573 12.67 9.04 38.31
CA ALA A 573 11.97 10.21 38.83
C ALA A 573 12.98 11.24 39.31
N ILE A 574 13.27 12.24 38.48
CA ILE A 574 14.14 13.32 38.91
C ILE A 574 13.54 14.05 40.11
N HIS A 575 12.22 14.22 40.10
CA HIS A 575 11.51 14.92 41.16
C HIS A 575 11.54 14.17 42.50
N ARG A 576 12.14 12.99 42.57
CA ARG A 576 12.24 12.21 43.80
C ARG A 576 13.69 11.89 44.18
N ARG A 577 14.65 12.63 43.63
CA ARG A 577 16.04 12.45 44.02
C ARG A 577 16.35 13.30 45.25
N LEU A 578 17.42 12.92 45.95
CA LEU A 578 17.71 13.48 47.27
C LEU A 578 17.88 14.99 47.22
N LYS A 579 18.83 15.47 46.41
CA LYS A 579 19.14 16.89 46.33
C LYS A 579 18.29 17.63 45.29
N PHE A 580 17.05 17.20 45.08
CA PHE A 580 16.20 17.83 44.07
C PHE A 580 15.50 19.05 44.66
N SER A 581 15.44 20.12 43.86
CA SER A 581 14.76 21.34 44.28
C SER A 581 14.44 22.18 43.05
N LEU A 582 13.46 23.06 43.21
CA LEU A 582 12.94 23.91 42.13
C LEU A 582 12.41 23.06 40.98
N SER B 19 1.09 1.60 -51.01
CA SER B 19 0.19 2.68 -50.63
C SER B 19 0.24 2.96 -49.13
N HIS B 20 1.35 3.52 -48.67
CA HIS B 20 1.63 3.68 -47.24
C HIS B 20 1.85 5.16 -46.93
N MET B 21 0.81 5.98 -47.10
CA MET B 21 0.94 7.41 -46.83
C MET B 21 1.35 7.65 -45.37
N ARG B 22 2.31 8.57 -45.18
CA ARG B 22 2.87 8.88 -43.86
C ARG B 22 2.12 10.08 -43.28
N ILE B 23 1.34 9.84 -42.23
CA ILE B 23 0.32 10.79 -41.79
C ILE B 23 0.76 11.45 -40.49
N LEU B 24 0.51 12.76 -40.41
CA LEU B 24 0.74 13.53 -39.19
C LEU B 24 -0.59 13.91 -38.55
N PHE B 25 -0.68 13.76 -37.25
CA PHE B 25 -1.89 14.11 -36.52
C PHE B 25 -1.67 15.44 -35.80
N LEU B 26 -2.68 16.31 -35.87
CA LEU B 26 -2.70 17.58 -35.17
C LEU B 26 -3.82 17.54 -34.13
N SER B 27 -3.45 17.29 -32.87
CA SER B 27 -4.43 17.04 -31.82
C SER B 27 -4.03 17.79 -30.56
N TYR B 28 -4.92 18.68 -30.09
CA TYR B 28 -4.70 19.37 -28.83
C TYR B 28 -4.32 18.39 -27.71
N ARG B 29 -4.93 17.20 -27.74
CA ARG B 29 -4.51 16.10 -26.88
C ARG B 29 -4.50 14.83 -27.72
N PHE B 30 -3.69 13.86 -27.31
CA PHE B 30 -3.76 12.52 -27.90
C PHE B 30 -4.92 11.80 -27.20
N ASN B 31 -6.13 12.19 -27.60
CA ASN B 31 -7.35 11.72 -26.94
C ASN B 31 -7.78 10.37 -27.51
N SER B 32 -8.86 9.85 -26.95
CA SER B 32 -9.49 8.61 -27.39
C SER B 32 -9.60 8.54 -28.91
N LEU B 33 -10.25 9.54 -29.51
CA LEU B 33 -10.44 9.53 -30.95
C LEU B 33 -9.09 9.46 -31.68
N SER B 34 -8.08 10.17 -31.17
CA SER B 34 -6.76 10.11 -31.80
C SER B 34 -6.15 8.72 -31.69
N ALA B 35 -6.29 8.09 -30.51
CA ALA B 35 -5.78 6.73 -30.34
C ALA B 35 -6.44 5.76 -31.32
N ARG B 36 -7.78 5.76 -31.36
CA ARG B 36 -8.50 4.88 -32.27
C ARG B 36 -8.04 5.07 -33.72
N LEU B 37 -7.95 6.33 -34.18
CA LEU B 37 -7.49 6.58 -35.54
C LEU B 37 -6.05 6.10 -35.74
N TYR B 38 -5.21 6.28 -34.71
CA TYR B 38 -3.84 5.80 -34.81
C TYR B 38 -3.80 4.29 -35.02
N CYS B 39 -4.48 3.53 -34.16
CA CYS B 39 -4.55 2.08 -34.33
C CYS B 39 -5.10 1.71 -35.69
N GLU B 40 -6.13 2.44 -36.15
CA GLU B 40 -6.83 2.05 -37.36
C GLU B 40 -5.97 2.24 -38.61
N LEU B 41 -5.09 3.24 -38.63
CA LEU B 41 -4.23 3.46 -39.80
C LEU B 41 -2.93 2.67 -39.71
N THR B 42 -2.30 2.62 -38.54
CA THR B 42 -1.03 1.91 -38.41
C THR B 42 -1.21 0.42 -38.66
N GLU B 43 -2.25 -0.18 -38.07
CA GLU B 43 -2.57 -1.57 -38.36
C GLU B 43 -2.90 -1.80 -39.82
N ARG B 44 -3.20 -0.72 -40.56
CA ARG B 44 -3.32 -0.76 -42.01
C ARG B 44 -2.03 -0.32 -42.71
N GLU B 45 -0.89 -0.40 -42.02
CA GLU B 45 0.42 -0.13 -42.61
C GLU B 45 0.50 1.27 -43.22
N HIS B 46 0.13 2.26 -42.42
CA HIS B 46 0.48 3.66 -42.63
C HIS B 46 1.25 4.14 -41.42
N GLU B 47 2.04 5.19 -41.60
CA GLU B 47 2.82 5.75 -40.51
C GLU B 47 2.12 6.99 -39.96
N VAL B 48 2.23 7.20 -38.65
CA VAL B 48 1.50 8.26 -37.97
C VAL B 48 2.40 8.90 -36.90
N SER B 49 2.76 10.16 -37.08
CA SER B 49 3.43 10.95 -36.06
C SER B 49 2.47 11.99 -35.52
N VAL B 50 2.67 12.38 -34.26
CA VAL B 50 1.76 13.28 -33.56
C VAL B 50 2.58 14.34 -32.82
N GLU B 51 2.15 15.60 -32.94
CA GLU B 51 2.67 16.69 -32.14
C GLU B 51 1.51 17.42 -31.48
N LEU B 52 1.55 17.51 -30.16
CA LEU B 52 0.47 18.14 -29.40
C LEU B 52 0.37 19.62 -29.73
N ASP B 53 -0.85 20.14 -29.68
CA ASP B 53 -1.11 21.55 -29.90
C ASP B 53 -0.87 22.28 -28.57
N VAL B 54 0.29 22.92 -28.46
CA VAL B 54 0.70 23.62 -27.25
C VAL B 54 0.99 25.08 -27.60
N HIS B 55 1.41 25.33 -28.84
CA HIS B 55 1.84 26.68 -29.21
C HIS B 55 1.77 26.78 -30.72
N PRO B 56 1.42 27.94 -31.28
CA PRO B 56 1.55 28.13 -32.73
C PRO B 56 2.95 27.84 -33.25
N ASP B 57 3.99 28.26 -32.52
CA ASP B 57 5.37 27.95 -32.93
C ASP B 57 5.63 26.44 -32.96
N LEU B 58 4.84 25.66 -32.24
CA LEU B 58 5.00 24.21 -32.21
C LEU B 58 4.38 23.54 -33.42
N THR B 59 3.16 23.95 -33.81
CA THR B 59 2.57 23.47 -35.05
C THR B 59 3.49 23.74 -36.24
N VAL B 60 4.16 24.89 -36.22
CA VAL B 60 4.98 25.31 -37.35
C VAL B 60 6.32 24.60 -37.32
N GLU B 61 6.87 24.33 -36.13
CA GLU B 61 8.15 23.61 -36.05
C GLU B 61 7.96 22.15 -36.43
N ALA B 62 6.90 21.51 -35.92
CA ALA B 62 6.69 20.07 -36.15
C ALA B 62 6.19 19.76 -37.55
N ALA B 63 5.40 20.65 -38.15
CA ALA B 63 5.05 20.49 -39.56
C ALA B 63 6.31 20.50 -40.42
N GLU B 64 7.25 21.40 -40.12
CA GLU B 64 8.47 21.50 -40.91
C GLU B 64 9.44 20.36 -40.63
N LEU B 65 9.60 19.99 -39.36
CA LEU B 65 10.53 18.90 -39.01
C LEU B 65 10.14 17.59 -39.69
N TYR B 66 8.88 17.18 -39.51
CA TYR B 66 8.46 15.85 -39.95
C TYR B 66 8.12 15.80 -41.44
N LYS B 67 7.58 16.91 -41.99
CA LYS B 67 7.28 17.04 -43.42
C LYS B 67 6.45 15.87 -43.93
N PRO B 68 5.18 15.80 -43.53
CA PRO B 68 4.39 14.58 -43.76
C PRO B 68 3.70 14.56 -45.13
N ASP B 69 3.16 13.39 -45.46
CA ASP B 69 2.36 13.23 -46.66
C ASP B 69 0.97 13.83 -46.47
N LEU B 70 0.41 13.71 -45.27
CA LEU B 70 -0.96 14.16 -44.99
C LEU B 70 -1.09 14.52 -43.51
N ILE B 71 -1.76 15.63 -43.24
CA ILE B 71 -2.06 16.08 -41.89
C ILE B 71 -3.54 15.85 -41.62
N ILE B 72 -3.86 15.26 -40.49
CA ILE B 72 -5.23 15.05 -40.03
C ILE B 72 -5.38 15.76 -38.70
N ALA B 73 -6.46 16.53 -38.57
CA ALA B 73 -6.77 17.15 -37.28
C ALA B 73 -7.94 16.41 -36.64
N PRO B 74 -7.68 15.49 -35.70
CA PRO B 74 -8.78 14.80 -35.02
C PRO B 74 -9.45 15.66 -33.95
N PHE B 75 -8.66 16.43 -33.20
CA PHE B 75 -9.17 17.16 -32.03
C PHE B 75 -8.38 18.47 -31.92
N LEU B 76 -8.92 19.52 -32.54
CA LEU B 76 -8.24 20.81 -32.61
C LEU B 76 -8.78 21.80 -31.58
N LYS B 77 -7.90 22.71 -31.17
CA LYS B 77 -8.30 23.87 -30.37
C LYS B 77 -7.92 25.16 -31.09
N ARG B 78 -6.63 25.46 -31.22
CA ARG B 78 -6.18 26.63 -31.96
C ARG B 78 -6.25 26.38 -33.46
N LYS B 79 -6.59 27.42 -34.21
CA LYS B 79 -6.50 27.34 -35.65
C LYS B 79 -5.08 26.97 -36.06
N ILE B 80 -4.98 26.22 -37.16
CA ILE B 80 -3.66 25.81 -37.65
C ILE B 80 -3.00 26.99 -38.33
N PRO B 81 -1.76 27.34 -37.96
CA PRO B 81 -1.10 28.52 -38.55
C PRO B 81 -1.08 28.47 -40.08
N GLN B 82 -1.02 29.66 -40.68
CA GLN B 82 -1.02 29.78 -42.14
C GLN B 82 0.24 29.24 -42.80
N GLU B 83 1.30 29.03 -42.04
CA GLU B 83 2.54 28.47 -42.58
C GLU B 83 2.58 26.95 -42.51
N VAL B 84 1.58 26.32 -41.89
CA VAL B 84 1.46 24.86 -41.81
C VAL B 84 0.44 24.36 -42.84
N TRP B 85 -0.83 24.75 -42.65
CA TRP B 85 -1.90 24.20 -43.48
C TRP B 85 -1.88 24.74 -44.91
N LYS B 86 -1.24 25.88 -45.16
CA LYS B 86 -1.13 26.33 -46.54
C LYS B 86 -0.02 25.62 -47.28
N LYS B 87 0.92 24.98 -46.58
CA LYS B 87 2.01 24.26 -47.22
C LYS B 87 1.69 22.79 -47.44
N TYR B 88 1.10 22.13 -46.45
CA TYR B 88 0.71 20.73 -46.52
C TYR B 88 -0.81 20.61 -46.65
N LYS B 89 -1.26 19.42 -47.03
CA LYS B 89 -2.69 19.13 -47.16
C LYS B 89 -3.27 18.70 -45.81
N THR B 90 -4.40 19.29 -45.44
CA THR B 90 -4.96 19.12 -44.10
C THR B 90 -6.42 18.74 -44.19
N LEU B 91 -6.82 17.74 -43.40
CA LEU B 91 -8.21 17.30 -43.28
C LEU B 91 -8.66 17.42 -41.83
N ILE B 92 -9.79 18.08 -41.62
CA ILE B 92 -10.31 18.36 -40.29
C ILE B 92 -11.50 17.45 -40.03
N ILE B 93 -11.59 16.94 -38.80
CA ILE B 93 -12.77 16.24 -38.30
C ILE B 93 -13.68 17.28 -37.66
N HIS B 94 -14.93 17.35 -38.11
CA HIS B 94 -15.91 18.24 -37.48
C HIS B 94 -17.11 17.44 -36.98
N PRO B 95 -17.45 17.52 -35.67
CA PRO B 95 -18.51 16.68 -35.09
C PRO B 95 -19.91 17.23 -35.34
N GLY B 96 -20.25 17.36 -36.62
CA GLY B 96 -21.55 17.80 -37.06
C GLY B 96 -21.82 17.35 -38.48
N PRO B 97 -23.07 17.40 -38.91
CA PRO B 97 -23.42 16.94 -40.26
C PRO B 97 -22.95 17.93 -41.30
N PRO B 98 -22.98 17.56 -42.59
CA PRO B 98 -22.49 18.46 -43.64
C PRO B 98 -23.19 19.81 -43.60
N GLY B 99 -22.39 20.88 -43.51
CA GLY B 99 -22.90 22.23 -43.43
C GLY B 99 -22.78 22.87 -42.05
N ASP B 100 -22.70 22.07 -40.99
CA ASP B 100 -22.58 22.61 -39.63
C ASP B 100 -21.15 23.11 -39.41
N ARG B 101 -21.05 24.33 -38.90
CA ARG B 101 -19.76 24.98 -38.68
C ARG B 101 -19.78 25.67 -37.33
N GLY B 102 -18.69 25.55 -36.58
CA GLY B 102 -18.58 26.12 -35.26
C GLY B 102 -17.91 25.16 -34.30
N PRO B 103 -17.37 25.70 -33.20
CA PRO B 103 -16.55 24.88 -32.28
C PRO B 103 -17.31 24.12 -31.20
N ASN B 104 -18.64 24.09 -31.21
CA ASN B 104 -19.39 23.36 -30.18
C ASN B 104 -20.56 22.61 -30.80
N ALA B 105 -20.34 21.97 -31.94
CA ALA B 105 -21.45 21.39 -32.69
C ALA B 105 -22.28 20.43 -31.83
N LEU B 106 -21.61 19.59 -31.02
CA LEU B 106 -22.34 18.61 -30.23
C LEU B 106 -23.09 19.29 -29.09
N ASP B 107 -22.49 20.30 -28.48
CA ASP B 107 -23.15 21.03 -27.41
C ASP B 107 -24.45 21.65 -27.92
N TRP B 108 -24.38 22.32 -29.07
CA TRP B 108 -25.57 22.92 -29.64
C TRP B 108 -26.55 21.87 -30.12
N ALA B 109 -26.06 20.82 -30.77
CA ALA B 109 -26.95 19.74 -31.18
C ALA B 109 -27.80 19.25 -30.02
N ILE B 110 -27.14 18.92 -28.89
CA ILE B 110 -27.86 18.41 -27.72
C ILE B 110 -28.71 19.52 -27.11
N MET B 111 -28.18 20.73 -27.02
CA MET B 111 -28.91 21.81 -26.38
C MET B 111 -30.16 22.17 -27.17
N LYS B 112 -30.06 22.25 -28.49
CA LYS B 112 -31.21 22.51 -29.33
C LYS B 112 -32.09 21.28 -29.49
N GLY B 113 -31.65 20.12 -29.00
CA GLY B 113 -32.46 18.92 -29.03
C GLY B 113 -32.57 18.27 -30.38
N GLU B 114 -31.55 18.43 -31.24
CA GLU B 114 -31.59 17.85 -32.57
C GLU B 114 -31.88 16.36 -32.49
N ARG B 115 -32.59 15.85 -33.49
CA ARG B 115 -33.05 14.47 -33.48
C ARG B 115 -32.11 13.53 -34.23
N ILE B 116 -31.47 14.02 -35.28
CA ILE B 116 -30.49 13.29 -36.08
C ILE B 116 -29.22 14.13 -36.12
N TRP B 117 -28.08 13.46 -36.15
CA TRP B 117 -26.82 14.19 -36.23
C TRP B 117 -25.84 13.37 -37.08
N GLY B 118 -24.65 13.92 -37.26
CA GLY B 118 -23.63 13.19 -37.98
C GLY B 118 -22.28 13.84 -37.78
N VAL B 119 -21.30 13.33 -38.53
CA VAL B 119 -19.95 13.87 -38.56
C VAL B 119 -19.55 14.16 -40.00
N THR B 120 -18.67 15.14 -40.18
CA THR B 120 -18.16 15.50 -41.49
C THR B 120 -16.65 15.65 -41.42
N LEU B 121 -15.97 15.13 -42.44
CA LEU B 121 -14.53 15.28 -42.62
C LEU B 121 -14.31 16.25 -43.77
N LEU B 122 -13.62 17.37 -43.51
CA LEU B 122 -13.49 18.44 -44.49
C LEU B 122 -12.14 19.14 -44.36
N GLU B 123 -11.86 20.02 -45.34
CA GLU B 123 -10.57 20.69 -45.49
C GLU B 123 -10.48 21.97 -44.67
N ALA B 124 -9.25 22.27 -44.22
CA ALA B 124 -9.00 23.49 -43.46
C ALA B 124 -9.07 24.70 -44.38
N SER B 125 -9.39 25.84 -43.80
CA SER B 125 -9.54 27.08 -44.55
C SER B 125 -9.19 28.26 -43.63
N GLU B 126 -9.27 29.47 -44.20
CA GLU B 126 -9.02 30.67 -43.41
C GLU B 126 -10.18 30.97 -42.47
N GLU B 127 -11.41 30.70 -42.92
CA GLU B 127 -12.61 30.84 -42.11
C GLU B 127 -12.97 29.50 -41.48
N TYR B 128 -13.39 29.53 -40.22
CA TYR B 128 -13.55 28.30 -39.44
C TYR B 128 -14.56 27.36 -40.09
N ASP B 129 -14.14 26.10 -40.26
CA ASP B 129 -15.02 25.02 -40.71
C ASP B 129 -15.70 25.37 -42.03
N ALA B 130 -14.91 25.85 -42.98
CA ALA B 130 -15.44 26.34 -44.26
C ALA B 130 -15.06 25.50 -45.46
N GLY B 131 -14.02 24.68 -45.35
CA GLY B 131 -13.53 23.91 -46.49
C GLY B 131 -14.51 22.92 -47.07
N ASP B 132 -14.09 22.24 -48.12
CA ASP B 132 -14.95 21.26 -48.80
C ASP B 132 -14.92 19.92 -48.08
N VAL B 133 -16.02 19.19 -48.18
CA VAL B 133 -16.16 17.92 -47.48
C VAL B 133 -15.57 16.81 -48.35
N TRP B 134 -14.98 15.82 -47.68
CA TRP B 134 -14.49 14.62 -48.33
C TRP B 134 -15.32 13.39 -47.99
N ALA B 135 -15.96 13.39 -46.81
CA ALA B 135 -16.71 12.24 -46.34
C ALA B 135 -17.64 12.69 -45.22
N TYR B 136 -18.65 11.86 -44.96
CA TYR B 136 -19.66 12.15 -43.96
C TYR B 136 -20.32 10.86 -43.54
N ARG B 137 -20.79 10.83 -42.30
CA ARG B 137 -21.70 9.80 -41.81
C ARG B 137 -22.75 10.50 -40.94
N THR B 138 -23.94 9.93 -40.91
CA THR B 138 -25.01 10.43 -40.06
C THR B 138 -25.51 9.30 -39.18
N PHE B 139 -26.20 9.68 -38.10
CA PHE B 139 -26.72 8.70 -37.15
C PHE B 139 -27.82 9.37 -36.34
N PRO B 140 -28.77 8.61 -35.82
CA PRO B 140 -29.76 9.18 -34.91
C PRO B 140 -29.14 9.54 -33.57
N MET B 141 -29.50 10.72 -33.08
CA MET B 141 -28.89 11.34 -31.90
C MET B 141 -29.54 10.82 -30.62
N ARG B 142 -28.84 9.96 -29.90
CA ARG B 142 -29.32 9.54 -28.58
C ARG B 142 -29.49 10.74 -27.65
N PHE B 143 -30.35 10.57 -26.64
CA PHE B 143 -30.51 11.55 -25.57
C PHE B 143 -29.62 11.10 -24.43
N ALA B 144 -28.37 11.59 -24.45
CA ALA B 144 -27.32 11.02 -23.63
C ALA B 144 -26.19 12.03 -23.54
N ARG B 145 -25.29 11.80 -22.58
CA ARG B 145 -24.19 12.73 -22.34
C ARG B 145 -23.30 12.85 -23.57
N LYS B 146 -22.87 14.09 -23.85
CA LYS B 146 -22.01 14.39 -24.98
C LYS B 146 -20.83 13.43 -25.09
N ALA B 147 -20.14 13.15 -23.97
CA ALA B 147 -18.97 12.28 -24.01
C ALA B 147 -19.28 10.93 -24.66
N SER B 148 -20.46 10.38 -24.37
CA SER B 148 -20.82 9.04 -24.84
C SER B 148 -21.13 9.03 -26.34
N ILE B 149 -21.79 10.06 -26.85
CA ILE B 149 -21.99 10.19 -28.30
C ILE B 149 -20.65 10.40 -29.02
N TYR B 150 -19.73 11.14 -28.39
CA TYR B 150 -18.41 11.34 -28.99
C TYR B 150 -17.64 10.02 -29.05
N ALA B 151 -17.72 9.22 -27.98
CA ALA B 151 -16.95 8.00 -27.87
C ALA B 151 -17.52 6.86 -28.70
N ASN B 152 -18.78 6.94 -29.12
CA ASN B 152 -19.36 5.86 -29.90
C ASN B 152 -19.74 6.30 -31.30
N GLU B 153 -20.91 6.91 -31.47
CA GLU B 153 -21.38 7.27 -32.80
C GLU B 153 -20.38 8.15 -33.52
N VAL B 154 -19.84 9.17 -32.85
CA VAL B 154 -18.96 10.11 -33.53
C VAL B 154 -17.64 9.44 -33.89
N THR B 155 -17.07 8.66 -32.97
CA THR B 155 -15.80 7.98 -33.22
C THR B 155 -15.94 6.95 -34.32
N GLU B 156 -16.98 6.11 -34.25
CA GLU B 156 -17.21 5.14 -35.32
C GLU B 156 -17.45 5.84 -36.65
N GLY B 157 -18.20 6.94 -36.62
CA GLY B 157 -18.44 7.68 -37.85
C GLY B 157 -17.17 8.30 -38.44
N VAL B 158 -16.22 8.69 -37.58
CA VAL B 158 -15.01 9.31 -38.08
C VAL B 158 -14.07 8.27 -38.65
N VAL B 159 -14.02 7.08 -38.04
CA VAL B 159 -13.14 6.03 -38.56
C VAL B 159 -13.52 5.69 -40.00
N GLU B 160 -14.81 5.60 -40.28
CA GLU B 160 -15.23 5.32 -41.65
C GLU B 160 -14.90 6.48 -42.58
N CYS B 161 -15.06 7.72 -42.10
CA CYS B 161 -14.73 8.88 -42.90
C CYS B 161 -13.24 8.96 -43.18
N VAL B 162 -12.40 8.56 -42.24
CA VAL B 162 -10.96 8.64 -42.45
C VAL B 162 -10.50 7.49 -43.36
N LEU B 163 -11.05 6.30 -43.19
CA LEU B 163 -10.70 5.18 -44.05
C LEU B 163 -11.13 5.45 -45.49
N GLU B 164 -12.39 5.83 -45.68
CA GLU B 164 -12.88 6.15 -47.03
C GLU B 164 -12.04 7.23 -47.69
N ALA B 165 -11.69 8.28 -46.93
CA ALA B 165 -10.90 9.36 -47.50
C ALA B 165 -9.48 8.90 -47.84
N LEU B 166 -8.98 7.87 -47.15
CA LEU B 166 -7.63 7.39 -47.45
C LEU B 166 -7.59 6.56 -48.73
N GLU B 167 -8.69 5.88 -49.08
CA GLU B 167 -8.74 5.20 -50.38
C GLU B 167 -8.72 6.21 -51.52
N ASN B 168 -9.20 7.42 -51.29
CA ASN B 168 -9.26 8.44 -52.33
C ASN B 168 -7.98 9.27 -52.41
N PHE B 169 -7.41 9.65 -51.26
CA PHE B 169 -6.23 10.51 -51.26
C PHE B 169 -5.05 9.82 -51.93
N GLU B 170 -4.86 8.52 -51.66
CA GLU B 170 -3.78 7.78 -52.33
C GLU B 170 -4.07 7.56 -53.81
N ARG B 171 -5.34 7.65 -54.22
CA ARG B 171 -5.65 7.60 -55.64
C ARG B 171 -5.28 8.94 -56.31
N GLY B 172 -5.78 10.05 -55.78
CA GLY B 172 -5.37 11.36 -56.24
C GLY B 172 -6.23 11.98 -57.33
N ASP B 173 -7.29 11.31 -57.75
CA ASP B 173 -8.25 11.85 -58.71
C ASP B 173 -9.45 12.49 -58.05
N PHE B 174 -9.48 12.51 -56.71
CA PHE B 174 -10.68 12.87 -55.95
C PHE B 174 -10.77 14.38 -55.79
N LYS B 175 -11.89 14.95 -56.24
CA LYS B 175 -12.19 16.36 -55.99
C LYS B 175 -13.17 16.48 -54.84
N PRO B 176 -12.86 17.30 -53.83
CA PRO B 176 -13.77 17.41 -52.68
C PRO B 176 -15.10 18.02 -53.09
N THR B 177 -16.11 17.79 -52.26
CA THR B 177 -17.49 18.18 -52.54
C THR B 177 -17.92 19.30 -51.59
N PRO B 178 -17.63 20.57 -51.91
CA PRO B 178 -18.04 21.65 -50.99
C PRO B 178 -19.54 21.68 -50.74
N GLN B 179 -19.91 22.34 -49.64
CA GLN B 179 -21.25 22.27 -49.07
C GLN B 179 -22.24 23.14 -49.84
N LYS B 180 -23.53 22.84 -49.63
CA LYS B 180 -24.61 23.59 -50.25
C LYS B 180 -25.33 24.34 -49.15
N GLU B 181 -26.42 23.80 -48.60
CA GLU B 181 -27.01 24.38 -47.39
C GLU B 181 -26.04 24.25 -46.23
N HIS B 182 -25.99 25.28 -45.39
CA HIS B 182 -25.05 25.31 -44.28
C HIS B 182 -25.56 26.23 -43.19
N TRP B 183 -25.02 26.08 -41.98
CA TRP B 183 -25.43 26.92 -40.86
C TRP B 183 -24.31 27.02 -39.83
N TRP B 184 -24.43 28.01 -38.94
CA TRP B 184 -23.39 28.39 -37.99
C TRP B 184 -23.94 28.39 -36.57
N ASN B 185 -23.03 28.17 -35.61
CA ASN B 185 -23.31 28.22 -34.16
C ASN B 185 -22.03 28.65 -33.44
N PRO B 186 -22.11 29.61 -32.52
CA PRO B 186 -20.88 30.06 -31.83
C PRO B 186 -20.51 29.19 -30.64
N LYS B 187 -19.41 29.55 -29.99
CA LYS B 187 -19.01 28.90 -28.75
C LYS B 187 -20.06 29.15 -27.68
N MET B 188 -20.40 28.10 -26.93
CA MET B 188 -21.54 28.14 -26.03
C MET B 188 -21.16 28.77 -24.68
N GLU B 189 -21.95 29.74 -24.25
CA GLU B 189 -21.68 30.46 -23.02
C GLU B 189 -22.25 29.70 -21.83
N GLN B 190 -21.54 29.80 -20.69
CA GLN B 190 -21.93 29.06 -19.49
C GLN B 190 -23.36 29.38 -19.08
N GLU B 191 -23.82 30.61 -19.33
CA GLU B 191 -25.14 31.04 -18.90
C GLU B 191 -26.24 30.18 -19.52
N LEU B 192 -26.02 29.65 -20.72
CA LEU B 192 -26.96 28.71 -21.30
C LEU B 192 -26.96 27.38 -20.56
N ARG B 193 -25.79 26.97 -20.05
CA ARG B 193 -25.68 25.66 -19.41
C ARG B 193 -26.20 25.65 -17.99
N ARG B 194 -26.42 26.82 -17.39
CA ARG B 194 -26.70 26.88 -15.96
C ARG B 194 -28.06 26.27 -15.66
N VAL B 195 -28.06 25.34 -14.70
CA VAL B 195 -29.29 24.68 -14.26
C VAL B 195 -29.97 25.53 -13.19
N ASP B 196 -31.23 25.86 -13.43
CA ASP B 196 -32.09 26.53 -12.46
C ASP B 196 -33.17 25.55 -12.04
N TRP B 197 -33.10 25.08 -10.78
CA TRP B 197 -33.95 23.97 -10.35
C TRP B 197 -35.43 24.34 -10.33
N GLU B 198 -35.75 25.61 -10.02
CA GLU B 198 -37.14 26.03 -9.97
C GLU B 198 -37.72 26.20 -11.38
N GLN B 199 -36.90 26.59 -12.34
CA GLN B 199 -37.39 26.87 -13.69
C GLN B 199 -37.23 25.69 -14.64
N ASP B 200 -36.28 24.81 -14.41
CA ASP B 200 -35.98 23.74 -15.34
C ASP B 200 -36.67 22.45 -14.90
N ASP B 201 -37.44 21.86 -15.82
CA ASP B 201 -37.97 20.53 -15.59
C ASP B 201 -36.87 19.49 -15.81
N THR B 202 -37.20 18.22 -15.62
CA THR B 202 -36.18 17.18 -15.67
C THR B 202 -35.55 17.08 -17.07
N LYS B 203 -36.35 17.25 -18.11
CA LYS B 203 -35.81 17.17 -19.47
C LYS B 203 -34.81 18.29 -19.72
N THR B 204 -35.09 19.49 -19.21
CA THR B 204 -34.20 20.63 -19.37
C THR B 204 -32.91 20.43 -18.58
N VAL B 205 -33.01 19.89 -17.36
CA VAL B 205 -31.80 19.65 -16.58
C VAL B 205 -30.93 18.61 -17.29
N LEU B 206 -31.52 17.47 -17.65
CA LEU B 206 -30.80 16.43 -18.39
C LEU B 206 -30.12 17.00 -19.64
N ARG B 207 -30.85 17.81 -20.41
CA ARG B 207 -30.28 18.36 -21.65
C ARG B 207 -29.07 19.25 -21.34
N LYS B 208 -29.17 20.08 -20.30
CA LYS B 208 -28.08 20.96 -19.93
C LYS B 208 -26.86 20.16 -19.45
N VAL B 209 -27.08 19.17 -18.59
CA VAL B 209 -25.96 18.40 -18.05
C VAL B 209 -25.33 17.56 -19.16
N TYR B 210 -26.16 16.87 -19.96
CA TYR B 210 -25.66 16.07 -21.09
C TYR B 210 -24.76 16.89 -22.02
N ALA B 211 -25.16 18.11 -22.35
CA ALA B 211 -24.42 18.91 -23.30
C ALA B 211 -23.08 19.37 -22.74
N SER B 212 -22.88 19.26 -21.43
CA SER B 212 -21.69 19.80 -20.79
C SER B 212 -20.84 18.72 -20.16
N ASP B 213 -21.10 17.45 -20.49
CA ASP B 213 -20.45 16.30 -19.88
C ASP B 213 -19.68 15.60 -20.98
N ALA B 214 -18.34 15.56 -20.88
CA ALA B 214 -17.59 15.75 -19.65
C ALA B 214 -16.98 17.13 -19.41
N ALA B 215 -17.04 18.01 -20.40
CA ALA B 215 -16.59 19.38 -20.23
C ALA B 215 -17.62 20.30 -20.87
N PRO B 216 -17.78 21.53 -20.36
CA PRO B 216 -17.11 22.10 -19.18
C PRO B 216 -17.94 21.93 -17.90
N GLY B 217 -19.02 21.17 -17.97
CA GLY B 217 -19.94 21.03 -16.85
C GLY B 217 -21.02 22.09 -16.88
N ALA B 218 -22.16 21.76 -16.28
CA ALA B 218 -23.29 22.67 -16.20
C ALA B 218 -23.31 23.31 -14.82
N SER B 219 -23.14 24.63 -14.77
CA SER B 219 -23.10 25.29 -13.48
C SER B 219 -24.48 25.25 -12.83
N SER B 220 -24.48 25.34 -11.51
CA SER B 220 -25.70 25.38 -10.71
C SER B 220 -25.32 25.73 -9.28
N LYS B 221 -26.32 26.03 -8.48
CA LYS B 221 -26.16 26.16 -7.04
C LYS B 221 -26.92 25.02 -6.37
N VAL B 222 -26.23 24.31 -5.48
CA VAL B 222 -26.81 23.19 -4.75
C VAL B 222 -26.45 23.33 -3.28
N LEU B 223 -27.46 23.39 -2.40
CA LEU B 223 -27.23 23.55 -0.97
C LEU B 223 -26.33 24.74 -0.68
N GLY B 224 -26.53 25.83 -1.44
CA GLY B 224 -25.78 27.05 -1.26
C GLY B 224 -24.47 27.10 -2.00
N LYS B 225 -23.97 25.98 -2.52
CA LYS B 225 -22.65 25.90 -3.12
C LYS B 225 -22.72 26.03 -4.64
N GLU B 226 -21.88 26.92 -5.20
CA GLU B 226 -21.68 26.96 -6.63
C GLU B 226 -20.92 25.72 -7.07
N VAL B 227 -21.53 24.93 -7.97
CA VAL B 227 -20.94 23.69 -8.46
C VAL B 227 -21.14 23.59 -9.97
N LEU B 228 -20.37 22.70 -10.57
CA LEU B 228 -20.57 22.21 -11.93
C LEU B 228 -21.10 20.79 -11.83
N LEU B 229 -22.14 20.48 -12.60
CA LEU B 229 -22.84 19.19 -12.51
C LEU B 229 -22.42 18.25 -13.63
N PHE B 230 -22.32 16.95 -13.32
CA PHE B 230 -21.89 15.96 -14.29
C PHE B 230 -22.67 14.68 -14.07
N ASN B 231 -22.95 13.98 -15.18
CA ASN B 231 -23.45 12.60 -15.17
C ASN B 231 -24.83 12.52 -14.51
N ALA B 232 -25.81 13.03 -15.24
CA ALA B 232 -27.20 13.09 -14.80
C ALA B 232 -27.98 11.84 -15.21
N TYR B 233 -29.05 11.54 -14.45
CA TYR B 233 -29.95 10.41 -14.72
C TYR B 233 -31.31 10.79 -14.18
N PRO B 234 -32.38 10.49 -14.92
CA PRO B 234 -33.73 10.86 -14.46
C PRO B 234 -34.19 9.98 -13.30
N GLU B 235 -35.07 10.55 -12.48
CA GLU B 235 -35.69 9.86 -11.35
C GLU B 235 -37.21 10.00 -11.45
N GLU B 236 -37.92 8.87 -11.43
CA GLU B 236 -39.37 8.88 -11.62
C GLU B 236 -40.18 8.70 -10.34
N GLU B 237 -39.58 8.14 -9.29
CA GLU B 237 -40.30 7.87 -8.05
C GLU B 237 -40.12 9.02 -7.05
N LEU B 238 -38.88 9.30 -6.63
CA LEU B 238 -38.65 10.34 -5.64
C LEU B 238 -39.15 11.70 -6.15
N LYS B 239 -39.79 12.45 -5.25
CA LYS B 239 -40.33 13.75 -5.61
C LYS B 239 -40.25 14.68 -4.41
N GLY B 240 -40.23 15.98 -4.71
CA GLY B 240 -40.14 17.00 -3.68
C GLY B 240 -40.04 18.36 -4.32
N LYS B 241 -39.54 19.33 -3.56
CA LYS B 241 -39.44 20.71 -4.02
C LYS B 241 -38.19 20.92 -4.87
N PRO B 242 -38.19 21.93 -5.75
CA PRO B 242 -37.01 22.18 -6.59
C PRO B 242 -35.78 22.49 -5.76
N GLY B 243 -34.65 21.86 -6.14
CA GLY B 243 -33.39 22.07 -5.45
C GLY B 243 -33.23 21.29 -4.16
N GLU B 244 -34.31 20.73 -3.61
CA GLU B 244 -34.18 19.89 -2.43
C GLU B 244 -33.39 18.62 -2.76
N VAL B 245 -32.51 18.23 -1.85
CA VAL B 245 -31.75 16.99 -2.00
C VAL B 245 -32.60 15.85 -1.45
N LEU B 246 -33.09 14.97 -2.32
CA LEU B 246 -34.12 14.00 -1.96
C LEU B 246 -33.53 12.69 -1.43
N ALA B 247 -32.35 12.29 -1.90
CA ALA B 247 -31.74 11.05 -1.42
C ALA B 247 -30.27 11.03 -1.79
N LEU B 248 -29.54 10.13 -1.12
CA LEU B 248 -28.19 9.71 -1.45
C LEU B 248 -28.23 8.26 -1.97
N ARG B 249 -27.34 7.95 -2.92
CA ARG B 249 -27.19 6.58 -3.36
C ARG B 249 -25.83 6.44 -4.04
N ASP B 250 -24.93 5.68 -3.43
CA ASP B 250 -23.59 5.47 -3.96
C ASP B 250 -22.94 6.80 -4.34
N GLU B 251 -23.08 7.78 -3.43
CA GLU B 251 -22.42 9.08 -3.50
C GLU B 251 -23.04 9.99 -4.56
N ALA B 252 -23.99 9.48 -5.35
CA ALA B 252 -24.82 10.35 -6.18
C ALA B 252 -25.89 10.98 -5.31
N VAL B 253 -26.32 12.18 -5.67
CA VAL B 253 -27.45 12.82 -5.01
C VAL B 253 -28.58 13.03 -6.01
N CYS B 254 -29.80 12.88 -5.51
CA CYS B 254 -31.02 13.08 -6.28
C CYS B 254 -31.62 14.41 -5.87
N ILE B 255 -31.93 15.26 -6.86
CA ILE B 255 -32.29 16.66 -6.60
C ILE B 255 -33.60 16.95 -7.30
N GLY B 256 -34.53 17.55 -6.57
CA GLY B 256 -35.82 17.88 -7.15
C GLY B 256 -35.68 18.92 -8.26
N THR B 257 -36.51 18.79 -9.29
CA THR B 257 -36.61 19.75 -10.38
C THR B 257 -38.00 20.39 -10.36
N ARG B 258 -38.31 21.13 -11.43
CA ARG B 258 -39.62 21.78 -11.52
C ARG B 258 -40.75 20.76 -11.48
N ASP B 259 -40.61 19.68 -12.24
CA ASP B 259 -41.65 18.66 -12.38
C ASP B 259 -41.28 17.30 -11.79
N GLY B 260 -40.04 17.09 -11.39
CA GLY B 260 -39.64 15.78 -10.89
C GLY B 260 -38.33 15.79 -10.14
N ALA B 261 -37.41 14.90 -10.52
CA ALA B 261 -36.13 14.77 -9.81
C ALA B 261 -35.08 14.22 -10.76
N VAL B 262 -33.82 14.57 -10.49
CA VAL B 262 -32.66 14.15 -11.28
C VAL B 262 -31.54 13.72 -10.33
N TRP B 263 -30.82 12.66 -10.72
CA TRP B 263 -29.58 12.28 -10.04
C TRP B 263 -28.38 12.95 -10.69
N ILE B 264 -27.46 13.44 -9.86
CA ILE B 264 -26.15 13.94 -10.28
C ILE B 264 -25.09 13.10 -9.58
N THR B 265 -24.29 12.33 -10.35
CA THR B 265 -23.32 11.48 -9.69
C THR B 265 -22.02 12.20 -9.35
N HIS B 266 -21.66 13.26 -10.08
CA HIS B 266 -20.38 13.92 -9.89
C HIS B 266 -20.52 15.42 -10.02
N MET B 267 -19.70 16.15 -9.27
CA MET B 267 -19.67 17.60 -9.34
C MET B 267 -18.24 18.10 -9.29
N ARG B 268 -18.10 19.40 -9.46
CA ARG B 268 -16.81 20.07 -9.29
C ARG B 268 -17.11 21.45 -8.71
N GLU B 269 -16.35 21.82 -7.68
CA GLU B 269 -16.41 23.19 -7.19
C GLU B 269 -15.90 24.14 -8.26
N ARG B 270 -16.39 25.37 -8.23
CA ARG B 270 -15.97 26.37 -9.21
C ARG B 270 -14.79 27.17 -8.64
N LYS B 271 -13.66 26.48 -8.58
CA LYS B 271 -12.38 27.05 -8.17
C LYS B 271 -11.31 26.61 -9.15
N LYS B 272 -10.19 27.33 -9.15
CA LYS B 272 -9.16 27.10 -10.16
C LYS B 272 -8.59 25.69 -10.07
N GLU B 273 -8.36 25.19 -8.85
CA GLU B 273 -7.68 23.93 -8.65
C GLU B 273 -8.60 22.82 -8.12
N SER B 274 -9.90 22.92 -8.34
CA SER B 274 -10.80 21.87 -7.88
C SER B 274 -10.90 20.77 -8.93
N ILE B 275 -11.29 19.58 -8.49
CA ILE B 275 -11.35 18.45 -9.40
C ILE B 275 -12.67 17.72 -9.26
N LYS B 276 -12.99 16.96 -10.29
CA LYS B 276 -14.29 16.33 -10.41
C LYS B 276 -14.36 15.14 -9.45
N LEU B 277 -15.45 15.06 -8.68
CA LEU B 277 -15.54 14.08 -7.59
C LEU B 277 -16.98 13.62 -7.46
N PRO B 278 -17.21 12.46 -6.85
CA PRO B 278 -18.60 12.07 -6.56
C PRO B 278 -19.30 13.17 -5.77
N SER B 279 -20.59 13.37 -6.05
CA SER B 279 -21.30 14.50 -5.48
C SER B 279 -21.23 14.52 -3.95
N ALA B 280 -21.27 13.35 -3.32
CA ALA B 280 -21.24 13.32 -1.85
C ALA B 280 -19.92 13.82 -1.30
N ARG B 281 -18.83 13.72 -2.07
CA ARG B 281 -17.57 14.28 -1.59
C ARG B 281 -17.50 15.80 -1.77
N VAL B 282 -18.11 16.34 -2.82
CA VAL B 282 -18.12 17.80 -2.98
C VAL B 282 -19.02 18.46 -1.94
N LEU B 283 -20.19 17.86 -1.66
CA LEU B 283 -21.18 18.42 -0.75
C LEU B 283 -21.07 17.81 0.65
N GLY B 284 -19.89 17.29 1.02
CA GLY B 284 -19.80 16.40 2.16
C GLY B 284 -20.31 17.02 3.45
N GLU B 285 -19.80 18.21 3.78
CA GLU B 285 -20.21 18.90 5.00
C GLU B 285 -21.73 18.93 5.15
N PHE B 286 -22.43 19.15 4.05
CA PHE B 286 -23.87 19.44 4.11
C PHE B 286 -24.73 18.19 4.26
N LEU B 287 -24.17 17.01 4.00
CA LEU B 287 -24.98 15.80 3.95
C LEU B 287 -24.78 14.91 5.17
N LYS B 288 -23.94 15.33 6.13
CA LYS B 288 -23.74 14.56 7.35
C LYS B 288 -25.08 14.30 8.03
N GLY B 289 -25.65 13.13 7.77
CA GLY B 289 -26.95 12.77 8.30
C GLY B 289 -28.02 12.49 7.27
N VAL B 290 -27.76 12.69 5.98
CA VAL B 290 -28.74 12.35 4.96
C VAL B 290 -28.68 10.85 4.70
N LYS B 291 -29.85 10.25 4.51
CA LYS B 291 -29.98 8.80 4.54
C LYS B 291 -29.75 8.19 3.16
N GLU B 292 -28.82 7.24 3.10
CA GLU B 292 -28.64 6.42 1.92
C GLU B 292 -29.97 5.82 1.48
N ASP B 293 -30.15 5.70 0.16
CA ASP B 293 -31.34 5.11 -0.44
C ASP B 293 -30.89 3.98 -1.36
N PRO B 294 -30.62 2.81 -0.81
CA PRO B 294 -29.91 1.77 -1.57
C PRO B 294 -30.86 0.92 -2.42
N ILE B 295 -30.35 0.50 -3.57
CA ILE B 295 -31.01 -0.50 -4.41
C ILE B 295 -29.95 -1.54 -4.76
N LYS B 296 -30.11 -2.75 -4.23
CA LYS B 296 -29.22 -3.83 -4.57
C LYS B 296 -29.21 -4.07 -6.08
N PRO B 297 -28.07 -4.38 -6.67
CA PRO B 297 -28.02 -4.57 -8.13
C PRO B 297 -28.93 -5.66 -8.64
N TRP B 298 -29.34 -6.61 -7.80
CA TRP B 298 -30.16 -7.74 -8.25
C TRP B 298 -31.65 -7.51 -8.06
N GLU B 299 -32.06 -6.39 -7.48
CA GLU B 299 -33.48 -6.09 -7.39
C GLU B 299 -34.01 -5.69 -8.76
N LYS B 300 -35.32 -5.89 -8.92
CA LYS B 300 -36.05 -5.46 -10.11
C LYS B 300 -36.75 -4.14 -9.80
N VAL B 301 -36.64 -3.19 -10.73
CA VAL B 301 -37.22 -1.86 -10.58
C VAL B 301 -37.88 -1.51 -11.91
N ASP B 302 -39.17 -1.18 -11.88
CA ASP B 302 -39.92 -0.93 -13.11
C ASP B 302 -40.07 0.56 -13.42
N PHE B 303 -39.38 1.43 -12.70
CA PHE B 303 -39.36 2.86 -13.00
C PHE B 303 -37.92 3.32 -13.18
N LYS B 304 -37.75 4.50 -13.75
CA LYS B 304 -36.40 5.01 -14.01
C LYS B 304 -35.78 5.55 -12.74
N THR B 305 -34.52 5.20 -12.52
CA THR B 305 -33.77 5.64 -11.35
C THR B 305 -32.29 5.40 -11.63
N TYR B 306 -31.44 5.74 -10.68
CA TYR B 306 -30.00 5.60 -10.86
C TYR B 306 -29.52 4.27 -10.29
N ARG B 307 -28.92 3.44 -11.15
CA ARG B 307 -28.45 2.09 -10.80
C ARG B 307 -27.00 1.97 -11.25
N GLU B 308 -26.06 2.27 -10.35
CA GLU B 308 -24.64 2.22 -10.67
C GLU B 308 -24.22 0.83 -11.11
N ILE B 309 -24.71 -0.21 -10.43
CA ILE B 309 -24.37 -1.60 -10.71
C ILE B 309 -25.67 -2.36 -10.93
N LEU B 310 -25.70 -3.18 -11.97
CA LEU B 310 -26.90 -3.93 -12.32
C LEU B 310 -26.55 -5.39 -12.52
N TYR B 311 -27.34 -6.28 -11.92
CA TYR B 311 -27.20 -7.71 -12.11
C TYR B 311 -28.44 -8.27 -12.79
N GLU B 312 -28.26 -8.91 -13.94
CA GLU B 312 -29.35 -9.60 -14.61
C GLU B 312 -28.91 -11.01 -14.98
N GLU B 313 -29.85 -11.94 -14.94
CA GLU B 313 -29.64 -13.33 -15.31
C GLU B 313 -30.41 -13.65 -16.58
N GLU B 314 -29.72 -14.29 -17.54
CA GLU B 314 -30.35 -14.75 -18.77
C GLU B 314 -29.70 -16.06 -19.20
N ASP B 315 -30.52 -17.08 -19.41
CA ASP B 315 -30.08 -18.32 -20.05
C ASP B 315 -28.94 -18.98 -19.28
N GLY B 316 -29.01 -18.94 -17.96
CA GLY B 316 -27.98 -19.53 -17.14
C GLY B 316 -26.73 -18.71 -17.00
N ILE B 317 -26.77 -17.44 -17.38
CA ILE B 317 -25.64 -16.54 -17.34
C ILE B 317 -26.01 -15.35 -16.47
N GLY B 318 -25.17 -15.04 -15.50
CA GLY B 318 -25.31 -13.83 -14.70
C GLY B 318 -24.47 -12.72 -15.28
N PHE B 319 -25.10 -11.60 -15.57
CA PHE B 319 -24.44 -10.45 -16.16
C PHE B 319 -24.28 -9.35 -15.12
N ILE B 320 -23.08 -8.81 -15.00
CA ILE B 320 -22.84 -7.72 -14.03
C ILE B 320 -22.44 -6.48 -14.82
N HIS B 321 -23.36 -5.51 -14.89
CA HIS B 321 -23.05 -4.20 -15.42
C HIS B 321 -22.54 -3.34 -14.26
N PHE B 322 -21.45 -2.60 -14.47
CA PHE B 322 -21.02 -1.59 -13.50
C PHE B 322 -20.69 -0.32 -14.24
N ASN B 323 -21.47 0.73 -13.99
CA ASN B 323 -21.33 2.01 -14.68
C ASN B 323 -20.53 2.99 -13.82
N PHE B 324 -19.21 2.86 -13.86
CA PHE B 324 -18.33 3.69 -13.03
C PHE B 324 -17.84 4.86 -13.87
N TYR B 325 -18.17 6.08 -13.44
CA TYR B 325 -17.83 7.28 -14.21
C TYR B 325 -16.37 7.27 -14.62
N ALA B 326 -16.15 7.48 -15.93
CA ALA B 326 -14.83 7.51 -16.58
C ALA B 326 -14.10 6.17 -16.50
N GLY B 327 -14.83 5.10 -16.16
CA GLY B 327 -14.19 3.81 -15.96
C GLY B 327 -13.26 3.73 -14.77
N ALA B 328 -13.29 4.71 -13.88
CA ALA B 328 -12.39 4.70 -12.72
C ALA B 328 -13.09 4.07 -11.52
N MET B 329 -12.42 3.12 -10.85
CA MET B 329 -13.01 2.34 -9.76
C MET B 329 -12.43 2.80 -8.43
N SER B 330 -13.20 3.56 -7.67
CA SER B 330 -12.70 3.94 -6.36
C SER B 330 -12.66 2.71 -5.44
N THR B 331 -12.04 2.90 -4.28
CA THR B 331 -12.05 1.87 -3.26
C THR B 331 -13.47 1.40 -2.98
N GLU B 332 -14.39 2.33 -2.74
CA GLU B 332 -15.73 1.91 -2.37
C GLU B 332 -16.47 1.27 -3.54
N GLN B 333 -16.18 1.72 -4.78
CA GLN B 333 -16.77 1.12 -5.96
C GLN B 333 -16.33 -0.34 -6.10
N CYS B 334 -15.04 -0.60 -5.84
CA CYS B 334 -14.54 -1.98 -5.84
C CYS B 334 -15.32 -2.87 -4.86
N TYR B 335 -15.56 -2.38 -3.64
CA TYR B 335 -16.27 -3.26 -2.69
C TYR B 335 -17.72 -3.47 -3.08
N ARG B 336 -18.37 -2.46 -3.67
CA ARG B 336 -19.72 -2.70 -4.19
C ARG B 336 -19.69 -3.71 -5.33
N LEU B 337 -18.70 -3.62 -6.22
CA LEU B 337 -18.57 -4.64 -7.27
C LEU B 337 -18.33 -6.01 -6.66
N LEU B 338 -17.41 -6.09 -5.70
CA LEU B 338 -17.11 -7.36 -5.05
C LEU B 338 -18.36 -7.97 -4.43
N GLU B 339 -19.18 -7.16 -3.76
CA GLU B 339 -20.41 -7.67 -3.17
C GLU B 339 -21.33 -8.26 -4.23
N THR B 340 -21.40 -7.64 -5.41
CA THR B 340 -22.26 -8.20 -6.44
C THR B 340 -21.69 -9.49 -7.00
N ILE B 341 -20.37 -9.56 -7.16
CA ILE B 341 -19.76 -10.82 -7.61
C ILE B 341 -20.05 -11.94 -6.62
N LYS B 342 -20.00 -11.65 -5.31
CA LYS B 342 -20.27 -12.69 -4.33
C LYS B 342 -21.71 -13.18 -4.41
N TYR B 343 -22.66 -12.24 -4.55
CA TYR B 343 -24.06 -12.61 -4.80
C TYR B 343 -24.19 -13.54 -5.99
N ALA B 344 -23.54 -13.19 -7.11
CA ALA B 344 -23.67 -13.96 -8.34
C ALA B 344 -23.05 -15.34 -8.22
N LYS B 345 -21.96 -15.48 -7.44
CA LYS B 345 -21.37 -16.80 -7.26
C LYS B 345 -22.28 -17.76 -6.48
N LYS B 346 -23.29 -17.25 -5.77
CA LYS B 346 -24.26 -18.13 -5.12
C LYS B 346 -25.49 -18.38 -6.00
N ARG B 347 -25.61 -17.71 -7.13
CA ARG B 347 -26.77 -17.92 -8.00
C ARG B 347 -26.61 -19.21 -8.79
N PRO B 348 -27.72 -19.76 -9.34
CA PRO B 348 -27.64 -20.98 -10.16
C PRO B 348 -27.34 -20.66 -11.63
N VAL B 349 -26.20 -20.03 -11.85
CA VAL B 349 -25.73 -19.66 -13.18
C VAL B 349 -24.46 -20.44 -13.43
N LYS B 350 -24.25 -20.85 -14.68
CA LYS B 350 -23.03 -21.53 -15.05
C LYS B 350 -21.89 -20.57 -15.35
N ALA B 351 -22.20 -19.30 -15.63
CA ALA B 351 -21.20 -18.34 -16.02
C ALA B 351 -21.53 -16.97 -15.46
N ILE B 352 -20.49 -16.20 -15.18
CA ILE B 352 -20.61 -14.83 -14.69
C ILE B 352 -19.82 -13.92 -15.62
N VAL B 353 -20.49 -12.89 -16.13
CA VAL B 353 -19.94 -12.02 -17.17
C VAL B 353 -19.83 -10.62 -16.59
N LEU B 354 -18.61 -10.08 -16.57
CA LEU B 354 -18.34 -8.69 -16.23
C LEU B 354 -18.45 -7.83 -17.49
N LEU B 355 -19.41 -6.92 -17.51
CA LEU B 355 -19.70 -6.13 -18.69
C LEU B 355 -19.24 -4.69 -18.59
N GLY B 356 -18.88 -4.21 -17.39
CA GLY B 356 -18.50 -2.81 -17.27
C GLY B 356 -19.64 -1.92 -17.74
N SER B 357 -19.31 -0.87 -18.50
CA SER B 357 -20.31 -0.03 -19.15
C SER B 357 -20.07 0.01 -20.64
N GLU B 358 -21.00 0.67 -21.35
CA GLU B 358 -20.86 0.81 -22.80
C GLU B 358 -19.56 1.53 -23.15
N ASP B 359 -19.24 2.59 -22.41
CA ASP B 359 -18.10 3.44 -22.76
C ASP B 359 -16.76 2.95 -22.22
N PHE B 360 -16.75 2.20 -21.10
CA PHE B 360 -15.51 1.65 -20.55
C PHE B 360 -15.77 0.29 -19.92
N PHE B 361 -14.86 -0.65 -20.13
CA PHE B 361 -14.79 -1.78 -19.22
C PHE B 361 -14.20 -1.32 -17.89
N SER B 362 -12.96 -0.85 -17.90
CA SER B 362 -12.38 -0.30 -16.67
C SER B 362 -11.04 0.34 -16.96
N ASN B 363 -10.79 1.47 -16.30
CA ASN B 363 -9.52 2.16 -16.33
C ASN B 363 -8.72 2.01 -15.03
N GLY B 364 -9.09 1.07 -14.18
CA GLY B 364 -8.32 0.81 -12.97
C GLY B 364 -8.68 1.67 -11.78
N MET B 365 -7.68 2.07 -10.99
CA MET B 365 -7.90 2.85 -9.78
C MET B 365 -8.48 4.21 -10.11
N ASN B 366 -9.26 4.76 -9.18
CA ASN B 366 -9.86 6.08 -9.36
C ASN B 366 -8.86 7.12 -8.88
N LEU B 367 -8.16 7.75 -9.83
CA LEU B 367 -7.13 8.71 -9.48
C LEU B 367 -7.71 9.99 -8.90
N ASN B 368 -8.97 10.29 -9.19
CA ASN B 368 -9.56 11.52 -8.64
C ASN B 368 -9.84 11.37 -7.14
N THR B 369 -10.43 10.25 -6.71
CA THR B 369 -10.65 10.06 -5.28
C THR B 369 -9.34 9.85 -4.54
N ILE B 370 -8.34 9.27 -5.21
CA ILE B 370 -7.00 9.16 -4.63
C ILE B 370 -6.42 10.56 -4.40
N GLU B 371 -6.44 11.40 -5.44
CA GLU B 371 -5.87 12.74 -5.33
C GLU B 371 -6.62 13.58 -4.29
N ASN B 372 -7.92 13.37 -4.15
CA ASN B 372 -8.70 14.14 -3.16
C ASN B 372 -8.43 13.69 -1.73
N ALA B 373 -7.87 12.51 -1.51
CA ALA B 373 -7.71 11.99 -0.16
C ALA B 373 -6.64 12.78 0.62
N GLU B 374 -6.84 12.86 1.94
CA GLU B 374 -5.85 13.52 2.79
C GLU B 374 -4.48 12.88 2.62
N SER B 375 -4.43 11.57 2.34
CA SER B 375 -3.17 10.92 2.01
C SER B 375 -3.38 10.15 0.71
N PRO B 376 -2.90 10.68 -0.42
CA PRO B 376 -3.07 9.94 -1.69
C PRO B 376 -2.33 8.61 -1.69
N ALA B 377 -1.20 8.53 -0.98
CA ALA B 377 -0.50 7.26 -0.86
C ALA B 377 -1.35 6.23 -0.12
N ASP B 378 -1.95 6.61 1.02
CA ASP B 378 -2.84 5.70 1.73
C ASP B 378 -4.04 5.30 0.85
N GLU B 379 -4.69 6.28 0.22
CA GLU B 379 -5.87 5.93 -0.58
C GLU B 379 -5.49 5.01 -1.74
N SER B 380 -4.31 5.22 -2.33
CA SER B 380 -3.83 4.31 -3.36
C SER B 380 -3.69 2.89 -2.82
N TRP B 381 -3.05 2.74 -1.64
CA TRP B 381 -2.94 1.43 -1.01
C TRP B 381 -4.33 0.82 -0.81
N ARG B 382 -5.29 1.62 -0.32
CA ARG B 382 -6.65 1.10 -0.19
C ARG B 382 -7.21 0.67 -1.54
N ASN B 383 -6.97 1.47 -2.59
CA ASN B 383 -7.62 1.21 -3.88
C ASN B 383 -7.07 -0.04 -4.55
N ILE B 384 -5.76 -0.26 -4.44
CA ILE B 384 -5.18 -1.40 -5.15
C ILE B 384 -5.53 -2.67 -4.41
N ASN B 385 -5.65 -2.60 -3.09
CA ASN B 385 -6.04 -3.80 -2.34
C ASN B 385 -7.48 -4.17 -2.62
N ALA B 386 -8.36 -3.18 -2.75
CA ALA B 386 -9.76 -3.48 -3.08
C ALA B 386 -9.91 -4.04 -4.49
N ILE B 387 -9.20 -3.48 -5.48
CA ILE B 387 -9.23 -4.07 -6.83
C ILE B 387 -8.71 -5.50 -6.81
N ASP B 388 -7.61 -5.73 -6.06
CA ASP B 388 -7.07 -7.08 -5.92
C ASP B 388 -8.06 -8.03 -5.23
N ASP B 389 -8.88 -7.51 -4.31
CA ASP B 389 -9.91 -8.36 -3.72
C ASP B 389 -10.94 -8.76 -4.76
N VAL B 390 -11.37 -7.82 -5.60
CA VAL B 390 -12.26 -8.16 -6.72
C VAL B 390 -11.61 -9.22 -7.59
N CYS B 391 -10.35 -8.99 -8.01
CA CYS B 391 -9.67 -9.96 -8.87
C CYS B 391 -9.57 -11.32 -8.20
N GLU B 392 -9.33 -11.33 -6.88
CA GLU B 392 -9.12 -12.60 -6.19
C GLU B 392 -10.42 -13.39 -6.11
N GLU B 393 -11.53 -12.71 -5.84
CA GLU B 393 -12.83 -13.35 -5.88
C GLU B 393 -13.09 -13.98 -7.24
N ILE B 394 -12.74 -13.28 -8.32
CA ILE B 394 -12.97 -13.80 -9.66
C ILE B 394 -12.16 -15.06 -9.89
N LEU B 395 -10.87 -15.00 -9.55
CA LEU B 395 -10.00 -16.16 -9.77
C LEU B 395 -10.49 -17.36 -8.99
N LYS B 396 -10.91 -17.14 -7.73
CA LYS B 396 -11.33 -18.21 -6.83
C LYS B 396 -12.78 -18.58 -7.09
N THR B 397 -13.10 -18.90 -8.34
CA THR B 397 -14.44 -19.31 -8.74
C THR B 397 -14.30 -20.68 -9.39
N PRO B 398 -14.21 -21.76 -8.59
CA PRO B 398 -13.87 -23.07 -9.14
C PRO B 398 -14.91 -23.64 -10.10
N ASP B 399 -16.19 -23.33 -9.91
CA ASP B 399 -17.26 -24.13 -10.50
C ASP B 399 -18.11 -23.34 -11.50
N LYS B 400 -17.64 -22.18 -11.95
CA LYS B 400 -18.35 -21.35 -12.91
C LYS B 400 -17.37 -20.72 -13.86
N LEU B 401 -17.83 -20.50 -15.10
CA LEU B 401 -17.07 -19.74 -16.07
C LEU B 401 -17.13 -18.26 -15.70
N THR B 402 -15.99 -17.58 -15.75
CA THR B 402 -15.95 -16.14 -15.59
C THR B 402 -15.52 -15.52 -16.93
N VAL B 403 -16.21 -14.44 -17.32
CA VAL B 403 -16.03 -13.84 -18.64
C VAL B 403 -15.94 -12.33 -18.48
N ALA B 404 -14.93 -11.72 -19.09
CA ALA B 404 -14.84 -10.28 -19.19
C ALA B 404 -15.35 -9.84 -20.56
N GLY B 405 -16.36 -8.97 -20.57
CA GLY B 405 -16.88 -8.45 -21.83
C GLY B 405 -16.65 -6.95 -21.99
N MET B 406 -15.69 -6.58 -22.83
CA MET B 406 -15.23 -5.20 -22.99
C MET B 406 -16.06 -4.51 -24.08
N GLN B 407 -17.05 -3.72 -23.66
CA GLN B 407 -17.86 -2.96 -24.62
C GLN B 407 -17.18 -1.68 -25.04
N GLY B 408 -16.31 -1.15 -24.19
CA GLY B 408 -15.58 0.07 -24.41
C GLY B 408 -14.13 -0.05 -23.97
N ASN B 409 -13.40 1.07 -23.90
CA ASN B 409 -11.96 1.03 -23.74
C ASN B 409 -11.55 0.54 -22.35
N ALA B 410 -10.28 0.17 -22.24
CA ALA B 410 -9.74 -0.29 -20.96
C ALA B 410 -8.27 0.06 -20.89
N GLY B 411 -7.81 0.36 -19.67
CA GLY B 411 -6.41 0.69 -19.46
C GLY B 411 -5.97 0.43 -18.04
N ALA B 412 -4.65 0.29 -17.89
CA ALA B 412 -3.97 0.15 -16.58
C ALA B 412 -4.62 -1.00 -15.83
N GLY B 413 -4.94 -0.83 -14.54
CA GLY B 413 -5.50 -1.94 -13.80
C GLY B 413 -6.78 -2.51 -14.40
N GLY B 414 -7.51 -1.73 -15.20
CA GLY B 414 -8.74 -2.23 -15.80
C GLY B 414 -8.51 -3.33 -16.81
N VAL B 415 -7.39 -3.28 -17.53
CA VAL B 415 -7.05 -4.37 -18.44
C VAL B 415 -6.74 -5.64 -17.67
N PHE B 416 -5.94 -5.53 -16.61
CA PHE B 416 -5.56 -6.74 -15.90
C PHE B 416 -6.70 -7.26 -15.04
N LEU B 417 -7.64 -6.40 -14.66
CA LEU B 417 -8.89 -6.91 -14.09
C LEU B 417 -9.57 -7.89 -15.06
N ALA B 418 -9.66 -7.53 -16.34
CA ALA B 418 -10.30 -8.41 -17.31
C ALA B 418 -9.56 -9.73 -17.44
N LEU B 419 -8.21 -9.69 -17.41
CA LEU B 419 -7.43 -10.89 -17.62
C LEU B 419 -7.57 -11.91 -16.48
N THR B 420 -8.18 -11.54 -15.35
CA THR B 420 -8.42 -12.54 -14.32
C THR B 420 -9.61 -13.44 -14.67
N CYS B 421 -10.46 -13.03 -15.62
CA CYS B 421 -11.56 -13.89 -16.03
C CYS B 421 -11.04 -15.01 -16.93
N ASP B 422 -11.79 -16.13 -17.00
CA ASP B 422 -11.38 -17.22 -17.89
C ASP B 422 -11.27 -16.75 -19.33
N LEU B 423 -12.28 -16.01 -19.81
CA LEU B 423 -12.32 -15.57 -21.20
C LEU B 423 -12.48 -14.06 -21.23
N VAL B 424 -11.81 -13.44 -22.20
CA VAL B 424 -11.91 -11.99 -22.42
C VAL B 424 -12.37 -11.77 -23.86
N PHE B 425 -13.43 -10.99 -24.02
CA PHE B 425 -13.94 -10.60 -25.33
C PHE B 425 -14.08 -9.09 -25.39
N ALA B 426 -13.98 -8.54 -26.59
CA ALA B 426 -14.03 -7.10 -26.77
C ALA B 426 -14.77 -6.75 -28.05
N ARG B 427 -15.49 -5.63 -28.01
CA ARG B 427 -16.09 -5.06 -29.21
C ARG B 427 -15.00 -4.67 -30.21
N GLU B 428 -15.36 -4.67 -31.49
CA GLU B 428 -14.45 -4.12 -32.50
C GLU B 428 -14.24 -2.63 -32.25
N GLY B 429 -12.99 -2.20 -32.38
CA GLY B 429 -12.66 -0.80 -32.22
C GLY B 429 -12.35 -0.38 -30.80
N VAL B 430 -12.44 -1.31 -29.84
CA VAL B 430 -12.02 -1.02 -28.48
C VAL B 430 -10.51 -0.80 -28.42
N VAL B 431 -10.10 0.22 -27.69
CA VAL B 431 -8.69 0.57 -27.55
C VAL B 431 -8.21 0.15 -26.18
N LEU B 432 -7.09 -0.57 -26.14
CA LEU B 432 -6.56 -1.09 -24.88
C LEU B 432 -5.20 -0.44 -24.59
N ASN B 433 -4.97 -0.16 -23.31
CA ASN B 433 -3.72 0.41 -22.82
C ASN B 433 -3.20 -0.47 -21.70
N PRO B 434 -2.64 -1.65 -22.05
CA PRO B 434 -2.28 -2.64 -21.03
C PRO B 434 -0.93 -2.36 -20.40
N HIS B 435 -0.80 -1.17 -19.81
CA HIS B 435 0.50 -0.70 -19.31
C HIS B 435 0.26 0.42 -18.29
N TYR B 436 1.34 0.82 -17.63
CA TYR B 436 1.27 1.84 -16.59
C TYR B 436 2.13 3.05 -16.90
N LYS B 437 2.54 3.23 -18.15
CA LYS B 437 3.50 4.29 -18.45
C LYS B 437 2.89 5.69 -18.40
N ASN B 438 1.57 5.80 -18.51
CA ASN B 438 0.94 7.10 -18.37
C ASN B 438 0.73 7.50 -16.92
N ILE B 439 1.03 6.61 -15.97
CA ILE B 439 0.72 6.87 -14.56
C ILE B 439 1.94 6.55 -13.70
N GLY B 440 3.13 6.92 -14.18
CA GLY B 440 4.32 6.84 -13.35
C GLY B 440 5.01 5.50 -13.30
N ASN B 441 4.64 4.55 -14.16
CA ASN B 441 5.30 3.24 -14.26
C ASN B 441 5.07 2.39 -12.99
N LEU B 442 3.88 2.47 -12.43
CA LEU B 442 3.47 1.52 -11.40
C LEU B 442 3.78 0.10 -11.84
N TYR B 443 4.16 -0.74 -10.90
CA TYR B 443 4.41 -2.12 -11.26
C TYR B 443 3.13 -2.84 -11.67
N GLY B 444 1.97 -2.34 -11.24
CA GLY B 444 0.69 -3.00 -11.49
C GLY B 444 0.45 -4.21 -10.61
N SER B 445 -0.81 -4.56 -10.34
CA SER B 445 -1.09 -5.77 -9.57
C SER B 445 -2.15 -6.59 -10.29
N GLU B 446 -3.29 -6.82 -9.63
CA GLU B 446 -4.43 -7.50 -10.25
C GLU B 446 -4.06 -8.91 -10.70
N PHE B 447 -3.05 -9.50 -10.05
CA PHE B 447 -2.55 -10.84 -10.34
C PHE B 447 -1.96 -10.96 -11.73
N TRP B 448 -1.45 -9.85 -12.28
CA TRP B 448 -0.91 -9.89 -13.64
C TRP B 448 0.28 -10.82 -13.75
N THR B 449 1.01 -11.06 -12.64
CA THR B 449 2.18 -11.94 -12.71
C THR B 449 1.78 -13.40 -12.75
N TYR B 450 0.50 -13.71 -12.50
CA TYR B 450 -0.05 -15.03 -12.76
C TYR B 450 -0.74 -15.10 -14.12
N THR B 451 -1.55 -14.08 -14.47
CA THR B 451 -2.41 -14.21 -15.64
C THR B 451 -1.67 -13.89 -16.94
N LEU B 452 -0.86 -12.85 -16.96
CA LEU B 452 -0.20 -12.46 -18.21
C LEU B 452 0.73 -13.54 -18.75
N PRO B 453 1.67 -14.11 -17.98
CA PRO B 453 2.49 -15.20 -18.53
C PRO B 453 1.69 -16.45 -18.85
N LYS B 454 0.53 -16.66 -18.23
CA LYS B 454 -0.31 -17.78 -18.61
C LYS B 454 -0.83 -17.62 -20.03
N ARG B 455 -1.05 -16.38 -20.46
CA ARG B 455 -1.64 -16.14 -21.77
C ARG B 455 -0.60 -16.03 -22.87
N VAL B 456 0.53 -15.39 -22.60
CA VAL B 456 1.44 -14.97 -23.67
C VAL B 456 2.89 -15.30 -23.35
N GLY B 457 3.15 -15.77 -22.13
CA GLY B 457 4.52 -16.06 -21.73
C GLY B 457 5.25 -14.82 -21.22
N TRP B 458 6.24 -15.02 -20.33
CA TRP B 458 6.85 -13.89 -19.63
C TRP B 458 7.44 -12.88 -20.60
N GLU B 459 8.21 -13.36 -21.59
CA GLU B 459 8.89 -12.45 -22.50
C GLU B 459 7.90 -11.57 -23.22
N LYS B 460 6.87 -12.16 -23.82
CA LYS B 460 5.89 -11.37 -24.55
C LYS B 460 5.07 -10.49 -23.60
N GLY B 461 4.82 -10.97 -22.39
CA GLY B 461 4.09 -10.16 -21.43
C GLY B 461 4.85 -8.90 -21.05
N LYS B 462 6.16 -9.02 -20.84
CA LYS B 462 6.98 -7.84 -20.57
C LYS B 462 7.00 -6.88 -21.75
N GLU B 463 6.98 -7.39 -22.98
CA GLU B 463 6.87 -6.53 -24.15
C GLU B 463 5.55 -5.75 -24.12
N VAL B 464 4.44 -6.44 -23.87
CA VAL B 464 3.14 -5.79 -23.89
C VAL B 464 3.11 -4.62 -22.93
N MET B 465 3.60 -4.84 -21.70
CA MET B 465 3.57 -3.82 -20.67
C MET B 465 4.61 -2.73 -20.89
N GLU B 466 5.57 -2.93 -21.80
CA GLU B 466 6.51 -1.88 -22.16
C GLU B 466 5.97 -0.95 -23.24
N ASN B 467 5.00 -1.41 -24.03
CA ASN B 467 4.52 -0.66 -25.19
C ASN B 467 3.57 0.44 -24.71
N ARG B 468 4.04 1.68 -24.80
CA ARG B 468 3.26 2.84 -24.39
C ARG B 468 2.15 3.21 -25.37
N MET B 469 2.21 2.72 -26.61
CA MET B 469 1.20 3.08 -27.60
C MET B 469 -0.06 2.23 -27.40
N PRO B 470 -1.24 2.83 -27.53
CA PRO B 470 -2.48 2.05 -27.40
C PRO B 470 -2.52 0.94 -28.45
N ILE B 471 -3.21 -0.15 -28.12
CA ILE B 471 -3.46 -1.21 -29.09
C ILE B 471 -4.97 -1.44 -29.24
N SER B 472 -5.38 -1.87 -30.42
CA SER B 472 -6.79 -2.19 -30.65
C SER B 472 -7.14 -3.58 -30.14
N SER B 473 -8.44 -3.82 -29.96
CA SER B 473 -8.87 -5.16 -29.56
C SER B 473 -8.51 -6.20 -30.61
N LYS B 474 -8.54 -5.82 -31.90
CA LYS B 474 -8.09 -6.71 -32.96
C LYS B 474 -6.65 -7.14 -32.73
N LYS B 475 -5.76 -6.18 -32.44
CA LYS B 475 -4.36 -6.50 -32.16
C LYS B 475 -4.23 -7.39 -30.93
N ALA B 476 -4.98 -7.08 -29.86
CA ALA B 476 -4.92 -7.90 -28.64
C ALA B 476 -5.29 -9.35 -28.92
N PHE B 477 -6.32 -9.58 -29.74
CA PHE B 477 -6.67 -10.95 -30.13
C PHE B 477 -5.52 -11.62 -30.86
N GLU B 478 -4.96 -10.95 -31.87
CA GLU B 478 -3.90 -11.56 -32.67
C GLU B 478 -2.71 -11.98 -31.81
N ILE B 479 -2.33 -11.16 -30.82
CA ILE B 479 -1.18 -11.52 -29.99
C ILE B 479 -1.53 -12.46 -28.84
N GLY B 480 -2.78 -12.89 -28.73
CA GLY B 480 -3.11 -13.87 -27.71
C GLY B 480 -3.42 -13.28 -26.34
N LEU B 481 -3.68 -11.98 -26.27
CA LEU B 481 -3.96 -11.33 -24.99
C LEU B 481 -5.43 -11.46 -24.61
N ILE B 482 -6.32 -11.39 -25.60
CA ILE B 482 -7.74 -11.66 -25.40
C ILE B 482 -8.16 -12.79 -26.34
N ASP B 483 -9.39 -13.29 -26.11
CA ASP B 483 -9.88 -14.52 -26.73
C ASP B 483 -10.79 -14.30 -27.93
N GLY B 484 -11.23 -13.08 -28.18
CA GLY B 484 -12.14 -12.87 -29.29
C GLY B 484 -12.56 -11.43 -29.43
N VAL B 485 -12.86 -11.02 -30.66
CA VAL B 485 -13.29 -9.67 -30.98
C VAL B 485 -14.46 -9.79 -31.94
N PHE B 486 -15.53 -9.05 -31.69
CA PHE B 486 -16.71 -9.13 -32.54
C PHE B 486 -17.69 -8.03 -32.12
N GLY B 487 -18.54 -7.63 -33.08
CA GLY B 487 -19.55 -6.62 -32.87
C GLY B 487 -19.05 -5.22 -33.16
N LYS B 488 -19.89 -4.39 -33.80
CA LYS B 488 -19.49 -3.01 -34.09
C LYS B 488 -19.96 -2.03 -33.02
N THR B 489 -21.13 -2.24 -32.44
CA THR B 489 -21.66 -1.40 -31.37
C THR B 489 -21.65 -2.17 -30.07
N PRO B 490 -21.76 -1.48 -28.92
CA PRO B 490 -21.85 -2.24 -27.66
C PRO B 490 -23.05 -3.18 -27.63
N LYS B 491 -24.20 -2.75 -28.16
CA LYS B 491 -25.38 -3.60 -28.16
C LYS B 491 -25.16 -4.86 -28.98
N GLU B 492 -24.66 -4.71 -30.22
CA GLU B 492 -24.32 -5.88 -31.01
C GLU B 492 -23.28 -6.76 -30.30
N PHE B 493 -22.27 -6.14 -29.70
CA PHE B 493 -21.25 -6.93 -28.99
C PHE B 493 -21.88 -7.75 -27.87
N ARG B 494 -22.80 -7.16 -27.11
CA ARG B 494 -23.45 -7.88 -26.02
C ARG B 494 -24.26 -9.08 -26.54
N GLN B 495 -25.02 -8.89 -27.63
CA GLN B 495 -25.80 -9.99 -28.20
C GLN B 495 -24.91 -11.12 -28.70
N ARG B 496 -23.81 -10.78 -29.38
CA ARG B 496 -22.89 -11.82 -29.83
C ARG B 496 -22.16 -12.46 -28.66
N LEU B 497 -21.85 -11.67 -27.63
CA LEU B 497 -21.21 -12.26 -26.45
C LEU B 497 -22.13 -13.25 -25.77
N LYS B 498 -23.39 -12.86 -25.54
CA LYS B 498 -24.31 -13.77 -24.86
C LYS B 498 -24.56 -15.01 -25.69
N GLU B 499 -24.63 -14.86 -27.01
CA GLU B 499 -24.75 -16.03 -27.88
C GLU B 499 -23.56 -16.97 -27.72
N ARG B 500 -22.35 -16.42 -27.69
CA ARG B 500 -21.18 -17.28 -27.66
C ARG B 500 -21.01 -17.98 -26.31
N ILE B 501 -21.35 -17.30 -25.22
CA ILE B 501 -21.22 -17.93 -23.91
C ILE B 501 -22.29 -18.98 -23.73
N LYS B 502 -23.51 -18.71 -24.17
CA LYS B 502 -24.60 -19.68 -24.07
C LYS B 502 -24.25 -20.96 -24.83
N ASN B 503 -23.65 -20.83 -26.02
CA ASN B 503 -23.22 -22.02 -26.76
C ASN B 503 -22.19 -22.81 -25.96
N PHE B 504 -21.24 -22.13 -25.33
CA PHE B 504 -20.10 -22.83 -24.74
C PHE B 504 -20.48 -23.59 -23.48
N ILE B 505 -21.35 -23.02 -22.63
CA ILE B 505 -21.66 -23.64 -21.35
C ILE B 505 -22.58 -24.83 -21.53
N ASN B 506 -22.96 -25.13 -22.77
CA ASN B 506 -23.77 -26.30 -23.09
C ASN B 506 -23.06 -27.26 -24.03
N SER B 507 -21.73 -27.28 -23.97
CA SER B 507 -20.90 -28.20 -24.75
C SER B 507 -20.11 -29.11 -23.81
N LYS B 508 -19.57 -30.20 -24.36
CA LYS B 508 -18.71 -31.06 -23.57
C LYS B 508 -17.47 -30.31 -23.07
N ASP B 509 -16.86 -29.49 -23.95
CA ASP B 509 -15.65 -28.79 -23.56
C ASP B 509 -15.84 -28.04 -22.26
N PHE B 510 -16.98 -27.40 -22.09
CA PHE B 510 -17.25 -26.68 -20.84
C PHE B 510 -17.28 -27.65 -19.66
N TYR B 511 -17.83 -28.85 -19.85
CA TYR B 511 -17.87 -29.82 -18.77
C TYR B 511 -16.46 -30.24 -18.35
N GLU B 512 -15.62 -30.60 -19.33
CA GLU B 512 -14.24 -30.94 -19.01
C GLU B 512 -13.48 -29.75 -18.44
N PHE B 513 -13.70 -28.55 -18.99
CA PHE B 513 -13.03 -27.36 -18.47
C PHE B 513 -13.36 -27.15 -17.00
N ILE B 514 -14.65 -27.14 -16.66
CA ILE B 514 -15.03 -26.86 -15.29
C ILE B 514 -14.57 -27.97 -14.36
N GLU B 515 -14.62 -29.23 -14.82
CA GLU B 515 -14.02 -30.30 -14.03
C GLU B 515 -12.55 -30.02 -13.75
N LYS B 516 -11.79 -29.58 -14.76
CA LYS B 516 -10.39 -29.21 -14.53
C LYS B 516 -10.29 -28.05 -13.54
N LYS B 517 -11.15 -27.04 -13.70
CA LYS B 517 -11.02 -25.82 -12.91
C LYS B 517 -11.33 -26.08 -11.44
N LYS B 518 -12.37 -26.88 -11.17
CA LYS B 518 -12.71 -27.24 -9.80
C LYS B 518 -11.54 -27.89 -9.09
N LYS B 519 -10.83 -28.78 -9.78
CA LYS B 519 -9.67 -29.44 -9.18
C LYS B 519 -8.57 -28.43 -8.92
N GLU B 520 -8.20 -27.64 -9.93
CA GLU B 520 -7.09 -26.72 -9.78
C GLU B 520 -7.34 -25.70 -8.67
N ARG B 521 -8.55 -25.14 -8.61
CA ARG B 521 -8.76 -23.94 -7.80
C ARG B 521 -9.26 -24.24 -6.39
N THR B 522 -9.47 -25.51 -6.05
CA THR B 522 -9.58 -25.93 -4.66
C THR B 522 -8.30 -26.52 -4.12
N SER B 523 -7.26 -26.65 -4.95
CA SER B 523 -6.02 -27.26 -4.50
C SER B 523 -5.18 -26.26 -3.70
N GLY B 524 -4.54 -26.76 -2.63
CA GLY B 524 -3.69 -25.90 -1.83
C GLY B 524 -2.56 -25.30 -2.63
N GLU B 525 -1.98 -26.06 -3.55
CA GLU B 525 -0.85 -25.58 -4.35
C GLU B 525 -1.24 -24.37 -5.17
N TRP B 526 -2.46 -24.35 -5.74
CA TRP B 526 -2.85 -23.24 -6.58
C TRP B 526 -3.19 -22.00 -5.76
N LEU B 527 -3.87 -22.19 -4.63
CA LEU B 527 -4.15 -21.08 -3.73
C LEU B 527 -2.86 -20.36 -3.32
N GLU B 528 -1.86 -21.12 -2.88
CA GLU B 528 -0.58 -20.51 -2.48
C GLU B 528 0.06 -19.76 -3.63
N GLU B 529 0.05 -20.34 -4.83
CA GLU B 529 0.70 -19.72 -5.99
C GLU B 529 0.12 -18.33 -6.25
N ILE B 530 -1.20 -18.19 -6.34
CA ILE B 530 -1.73 -16.86 -6.62
C ILE B 530 -1.57 -15.95 -5.41
N GLN B 531 -1.53 -16.50 -4.20
CA GLN B 531 -1.29 -15.66 -3.03
C GLN B 531 0.10 -15.06 -3.05
N LYS B 532 1.10 -15.82 -3.50
CA LYS B 532 2.45 -15.26 -3.64
C LYS B 532 2.51 -14.23 -4.77
N CYS B 533 1.73 -14.44 -5.84
CA CYS B 533 1.68 -13.43 -6.89
C CYS B 533 1.13 -12.11 -6.36
N ARG B 534 0.07 -12.16 -5.56
CA ARG B 534 -0.47 -10.92 -5.00
C ARG B 534 0.54 -10.25 -4.07
N GLU B 535 1.23 -11.04 -3.25
CA GLU B 535 2.15 -10.48 -2.27
C GLU B 535 3.33 -9.80 -2.96
N HIS B 536 3.86 -10.40 -4.03
CA HIS B 536 5.00 -9.79 -4.71
C HIS B 536 4.57 -8.52 -5.44
N GLU B 537 3.42 -8.54 -6.10
CA GLU B 537 2.92 -7.35 -6.77
C GLU B 537 2.70 -6.21 -5.77
N LEU B 538 2.09 -6.51 -4.63
CA LEU B 538 1.75 -5.47 -3.69
C LEU B 538 2.97 -4.94 -2.97
N GLU B 539 4.01 -5.77 -2.83
CA GLU B 539 5.28 -5.27 -2.32
C GLU B 539 5.83 -4.18 -3.24
N LYS B 540 5.78 -4.40 -4.56
CA LYS B 540 6.23 -3.37 -5.50
C LYS B 540 5.31 -2.15 -5.48
N MET B 541 3.99 -2.35 -5.43
CA MET B 541 3.09 -1.20 -5.42
C MET B 541 3.30 -0.35 -4.18
N LYS B 542 3.54 -0.99 -3.02
CA LYS B 542 3.78 -0.24 -1.79
C LYS B 542 4.97 0.69 -1.95
N LEU B 543 6.01 0.23 -2.63
CA LEU B 543 7.17 1.08 -2.91
C LEU B 543 6.82 2.20 -3.88
N ASN B 544 6.06 1.91 -4.95
CA ASN B 544 5.60 2.97 -5.85
C ASN B 544 4.84 4.05 -5.10
N PHE B 545 4.04 3.65 -4.10
CA PHE B 545 3.18 4.59 -3.40
C PHE B 545 3.89 5.35 -2.30
N TYR B 546 4.88 4.73 -1.61
CA TYR B 546 5.48 5.33 -0.41
C TYR B 546 6.97 5.59 -0.55
N GLY B 547 7.62 5.07 -1.59
CA GLY B 547 9.06 5.19 -1.71
C GLY B 547 9.46 6.60 -2.11
N PHE B 548 10.78 6.77 -2.23
CA PHE B 548 11.34 8.09 -2.50
C PHE B 548 11.05 8.54 -3.94
N ASP B 549 11.10 7.61 -4.89
CA ASP B 549 10.72 7.94 -6.27
C ASP B 549 9.22 8.22 -6.32
N THR B 550 8.87 9.50 -6.42
CA THR B 550 7.49 9.96 -6.44
C THR B 550 6.93 10.07 -7.86
N SER B 551 7.41 9.23 -8.80
CA SER B 551 6.91 9.29 -10.18
C SER B 551 5.40 9.17 -10.26
N TYR B 552 4.80 8.25 -9.48
CA TYR B 552 3.37 8.03 -9.57
C TYR B 552 2.58 9.26 -9.16
N HIS B 553 2.97 9.92 -8.07
CA HIS B 553 2.21 11.06 -7.57
C HIS B 553 2.28 12.24 -8.53
N ILE B 554 3.46 12.48 -9.12
CA ILE B 554 3.61 13.56 -10.10
C ILE B 554 2.70 13.30 -11.30
N ALA B 555 2.76 12.08 -11.85
CA ALA B 555 1.95 11.76 -13.02
C ALA B 555 0.46 11.86 -12.69
N ARG B 556 0.03 11.29 -11.56
CA ARG B 556 -1.38 11.38 -11.19
C ARG B 556 -1.85 12.82 -11.12
N TYR B 557 -1.03 13.69 -10.52
CA TYR B 557 -1.35 15.12 -10.43
C TYR B 557 -1.66 15.70 -11.80
N TYR B 558 -0.76 15.50 -12.77
CA TYR B 558 -0.97 16.04 -14.10
C TYR B 558 -2.18 15.42 -14.77
N PHE B 559 -2.47 14.16 -14.46
CA PHE B 559 -3.62 13.50 -15.05
C PHE B 559 -4.92 14.10 -14.53
N VAL B 560 -5.10 14.18 -13.21
CA VAL B 560 -6.40 14.61 -12.70
C VAL B 560 -6.60 16.11 -12.84
N ARG B 561 -5.53 16.89 -12.97
CA ARG B 561 -5.64 18.34 -13.18
C ARG B 561 -5.79 18.71 -14.65
N ALA B 562 -5.55 17.77 -15.57
N ALA B 562 -5.70 17.72 -15.55
CA ALA B 562 -5.35 18.11 -16.97
CA ALA B 562 -5.78 17.84 -17.01
C ALA B 562 -4.41 19.32 -17.09
C ALA B 562 -4.46 18.36 -17.58
N LYS B 563 -3.31 19.30 -16.34
N LYS B 563 -3.63 17.45 -18.08
CA LYS B 563 -2.38 20.42 -16.36
CA LYS B 563 -2.35 17.77 -18.69
C LYS B 563 -1.86 20.64 -17.77
C LYS B 563 -1.99 16.64 -19.64
N PRO B 564 -1.67 21.88 -18.20
N PRO B 564 -1.42 16.96 -20.82
CA PRO B 564 -1.30 22.15 -19.58
CA PRO B 564 -1.08 15.90 -21.78
C PRO B 564 0.06 21.55 -19.92
C PRO B 564 0.22 15.17 -21.47
N HIS B 565 0.10 20.70 -20.94
N HIS B 565 1.06 15.76 -20.63
CA HIS B 565 1.34 20.11 -21.40
CA HIS B 565 2.46 15.42 -20.50
C HIS B 565 2.34 21.19 -21.79
C HIS B 565 2.71 13.92 -20.36
N PHE B 566 3.59 20.77 -21.97
N PHE B 566 2.43 13.34 -19.18
CA PHE B 566 4.67 21.69 -22.28
CA PHE B 566 2.73 11.92 -18.99
C PHE B 566 5.56 21.25 -23.42
C PHE B 566 1.78 11.02 -19.76
N ARG B 567 5.44 20.03 -23.92
N ARG B 567 0.55 11.47 -20.02
CA ARG B 567 6.19 19.55 -25.07
CA ARG B 567 -0.40 10.63 -20.77
C ARG B 567 5.54 18.27 -25.56
C ARG B 567 0.00 10.49 -22.23
N THR B 568 6.18 17.59 -26.50
N THR B 568 0.71 11.46 -22.77
CA THR B 568 5.72 16.31 -27.01
CA THR B 568 1.10 11.39 -24.16
C THR B 568 6.85 15.31 -26.92
C THR B 568 2.49 10.80 -24.29
N PRO B 569 6.63 14.12 -26.35
N PRO B 569 2.69 9.78 -25.15
CA PRO B 569 7.67 13.10 -26.21
CA PRO B 569 4.01 9.19 -25.45
C PRO B 569 8.20 12.58 -27.55
C PRO B 569 5.04 10.23 -25.90
N TYR B 571 8.46 8.46 -28.28
CA TYR B 571 7.49 7.41 -28.53
C TYR B 571 6.28 7.97 -29.25
N LEU B 572 6.04 9.27 -29.05
CA LEU B 572 4.91 9.95 -29.68
C LEU B 572 5.38 10.74 -30.89
N ALA B 573 6.11 11.83 -30.64
CA ALA B 573 6.63 12.66 -31.71
C ALA B 573 7.77 11.95 -32.43
N ILE B 574 7.46 11.25 -33.53
CA ILE B 574 8.48 10.51 -34.28
C ILE B 574 9.65 11.41 -34.63
N HIS B 575 9.34 12.64 -35.04
CA HIS B 575 10.32 13.62 -35.50
C HIS B 575 11.21 14.16 -34.39
N ARG B 576 11.19 13.66 -33.16
CA ARG B 576 12.06 14.18 -32.13
C ARG B 576 13.01 13.13 -31.57
N ARG B 577 12.97 11.90 -32.08
CA ARG B 577 13.88 10.85 -31.65
C ARG B 577 15.31 11.17 -32.10
N LEU B 578 16.27 10.43 -31.54
CA LEU B 578 17.66 10.59 -31.97
C LEU B 578 17.83 10.16 -33.41
N LYS B 579 17.35 8.96 -33.75
CA LYS B 579 17.58 8.38 -35.07
C LYS B 579 16.56 8.84 -36.11
N PHE B 580 15.81 9.90 -35.83
CA PHE B 580 14.86 10.40 -36.80
C PHE B 580 15.59 10.98 -38.01
N SER B 581 15.14 10.64 -39.20
CA SER B 581 15.74 11.14 -40.42
C SER B 581 14.82 10.91 -41.61
#